data_3TSA
#
_entry.id   3TSA
#
_cell.length_a   54.160
_cell.length_b   57.060
_cell.length_c   68.113
_cell.angle_alpha   81.46
_cell.angle_beta   73.84
_cell.angle_gamma   85.95
#
_symmetry.space_group_name_H-M   'P 1'
#
loop_
_entity.id
_entity.type
_entity.pdbx_description
1 polymer NDP-rhamnosyltransferase
2 non-polymer 'MAGNESIUM ION'
3 non-polymer alpha-D-glucopyranose
4 water water
#
_entity_poly.entity_id   1
_entity_poly.type   'polypeptide(L)'
_entity_poly.pdbx_seq_one_letter_code
;HMRVLVVPLPYPTHLMAMVPLCWALQASGHEVLIAAPPELQATAHGAGLTTAGIRGNDRTGDTGGTTQLRFPNPAFGQRD
TEAGRQLWEQTASNVAQSSLDQLPEYLRLAEAWRPSVLLVDVCALIGRVLGGLLDLPVVLHRWGVDPTAGPFSDRAHELL
DPVCRHHGLTGLPTPELILDPCPPSLQASDAPQGAPVQYVPYNGSGAFPAWGAARTSARRVCICMGRMVLNATGPAPLLR
AVAAATELPGVEAVIAVPPEHRALLTDLPDNARIAESVPLNLFLRTCELVICAGGSGTAFTATRLGIPQLVLPQYFDQFD
YARNLAAAGAGICLPDEQAQSDHEQFTDSIATVLGDTGFAAAAIKLSDEITAMPHPAALVRTLENTAAIRA
;
_entity_poly.pdbx_strand_id   A,B
#
# COMPACT_ATOMS: atom_id res chain seq x y z
N HIS A 1 3.20 -18.85 -8.71
CA HIS A 1 2.89 -17.42 -8.90
C HIS A 1 1.39 -17.27 -9.01
N MET A 2 0.78 -16.63 -8.02
CA MET A 2 -0.67 -16.57 -7.99
C MET A 2 -1.09 -15.26 -8.60
N ARG A 3 -2.25 -15.31 -9.21
CA ARG A 3 -2.97 -14.09 -9.55
C ARG A 3 -4.22 -14.08 -8.66
N VAL A 4 -4.26 -13.17 -7.68
CA VAL A 4 -5.35 -13.14 -6.72
C VAL A 4 -6.35 -12.05 -7.05
N LEU A 5 -7.61 -12.45 -7.34
CA LEU A 5 -8.70 -11.46 -7.53
C LEU A 5 -9.41 -11.30 -6.20
N VAL A 6 -9.50 -10.07 -5.73
CA VAL A 6 -10.06 -9.80 -4.45
C VAL A 6 -11.48 -9.26 -4.67
N VAL A 7 -12.45 -9.86 -3.99
CA VAL A 7 -13.85 -9.56 -4.21
C VAL A 7 -14.43 -9.11 -2.87
N PRO A 8 -14.39 -7.79 -2.58
CA PRO A 8 -14.91 -7.32 -1.34
C PRO A 8 -16.34 -6.86 -1.49
N LEU A 9 -17.04 -6.71 -0.37
CA LEU A 9 -18.30 -5.99 -0.36
C LEU A 9 -17.98 -4.52 -0.56
N PRO A 10 -18.94 -3.74 -1.12
CA PRO A 10 -18.58 -2.34 -1.33
C PRO A 10 -18.61 -1.54 -0.05
N TYR A 11 -17.94 -1.99 1.01
CA TYR A 11 -17.73 -1.18 2.18
C TYR A 11 -16.24 -1.06 2.47
N PRO A 12 -15.75 0.18 2.59
CA PRO A 12 -14.34 0.40 2.82
C PRO A 12 -13.76 -0.39 3.96
N THR A 13 -14.44 -0.51 5.12
CA THR A 13 -13.83 -1.26 6.24
C THR A 13 -13.54 -2.73 5.91
N HIS A 14 -14.36 -3.34 5.09
CA HIS A 14 -14.16 -4.76 4.74
C HIS A 14 -12.95 -4.91 3.82
N LEU A 15 -12.72 -3.93 2.94
CA LEU A 15 -11.52 -3.94 2.07
C LEU A 15 -10.26 -3.62 2.93
N MET A 16 -10.39 -2.62 3.81
CA MET A 16 -9.24 -2.32 4.66
C MET A 16 -8.78 -3.51 5.49
N ALA A 17 -9.72 -4.35 5.94
CA ALA A 17 -9.40 -5.55 6.72
C ALA A 17 -8.52 -6.53 5.88
N MET A 18 -8.54 -6.39 4.53
CA MET A 18 -7.77 -7.30 3.67
C MET A 18 -6.48 -6.66 3.20
N VAL A 19 -6.27 -5.38 3.52
CA VAL A 19 -5.13 -4.67 2.85
C VAL A 19 -3.73 -5.26 3.20
N PRO A 20 -3.46 -5.54 4.48
CA PRO A 20 -2.17 -6.10 4.85
C PRO A 20 -1.93 -7.46 4.13
N LEU A 21 -3.00 -8.28 4.01
CA LEU A 21 -2.85 -9.55 3.28
C LEU A 21 -2.53 -9.29 1.78
N CYS A 22 -3.20 -8.30 1.19
CA CYS A 22 -2.95 -7.94 -0.22
C CYS A 22 -1.47 -7.55 -0.35
N TRP A 23 -0.95 -6.80 0.63
CA TRP A 23 0.42 -6.28 0.57
C TRP A 23 1.35 -7.46 0.79
N ALA A 24 1.01 -8.38 1.74
CA ALA A 24 1.81 -9.62 1.94
C ALA A 24 1.97 -10.39 0.62
N LEU A 25 0.86 -10.54 -0.13
CA LEU A 25 0.83 -11.23 -1.43
C LEU A 25 1.80 -10.53 -2.40
N GLN A 26 1.69 -9.20 -2.55
CA GLN A 26 2.51 -8.50 -3.55
C GLN A 26 3.96 -8.52 -3.08
N ALA A 27 4.22 -8.45 -1.76
CA ALA A 27 5.59 -8.47 -1.26
C ALA A 27 6.30 -9.84 -1.44
N SER A 28 5.52 -10.92 -1.58
CA SER A 28 6.02 -12.22 -1.87
C SER A 28 5.96 -12.62 -3.34
N GLY A 29 5.84 -11.62 -4.21
CA GLY A 29 5.91 -11.80 -5.66
C GLY A 29 4.64 -12.18 -6.40
N HIS A 30 3.49 -12.23 -5.75
CA HIS A 30 2.23 -12.50 -6.45
C HIS A 30 1.52 -11.23 -6.94
N GLU A 31 0.54 -11.43 -7.83
CA GLU A 31 -0.17 -10.29 -8.39
C GLU A 31 -1.55 -10.24 -7.73
N VAL A 32 -2.03 -9.02 -7.48
CA VAL A 32 -3.31 -8.83 -6.78
C VAL A 32 -4.09 -7.78 -7.53
N LEU A 33 -5.38 -8.03 -7.73
CA LEU A 33 -6.24 -7.02 -8.34
C LEU A 33 -7.54 -6.98 -7.55
N ILE A 34 -8.00 -5.77 -7.21
CA ILE A 34 -9.23 -5.60 -6.42
C ILE A 34 -10.45 -5.31 -7.35
N ALA A 35 -11.47 -6.18 -7.39
CA ALA A 35 -12.64 -5.83 -8.21
C ALA A 35 -13.41 -4.76 -7.36
N ALA A 36 -13.55 -3.54 -7.88
CA ALA A 36 -13.99 -2.41 -7.10
C ALA A 36 -15.13 -1.68 -7.79
N PRO A 37 -16.29 -1.65 -7.14
CA PRO A 37 -17.26 -0.71 -7.64
C PRO A 37 -16.80 0.68 -7.19
N PRO A 38 -17.46 1.74 -7.66
CA PRO A 38 -17.10 3.15 -7.37
C PRO A 38 -16.83 3.45 -5.91
N GLU A 39 -17.64 2.84 -5.02
CA GLU A 39 -17.57 3.03 -3.55
C GLU A 39 -16.21 2.67 -2.93
N LEU A 40 -15.51 1.76 -3.61
CA LEU A 40 -14.31 1.18 -3.05
C LEU A 40 -13.05 1.69 -3.72
N GLN A 41 -13.22 2.44 -4.80
CA GLN A 41 -12.03 2.77 -5.62
C GLN A 41 -10.96 3.52 -4.82
N ALA A 42 -11.40 4.56 -4.12
CA ALA A 42 -10.45 5.42 -3.42
C ALA A 42 -9.80 4.69 -2.20
N THR A 43 -10.54 3.77 -1.57
CA THR A 43 -9.98 2.97 -0.47
C THR A 43 -8.82 2.05 -1.05
N ALA A 44 -9.13 1.46 -2.20
CA ALA A 44 -8.19 0.52 -2.88
C ALA A 44 -6.91 1.26 -3.34
N HIS A 45 -7.13 2.35 -4.06
CA HIS A 45 -6.07 3.18 -4.52
C HIS A 45 -5.29 3.81 -3.42
N GLY A 46 -5.97 4.17 -2.31
CA GLY A 46 -5.30 4.83 -1.20
C GLY A 46 -4.33 3.92 -0.45
N ALA A 47 -4.46 2.61 -0.69
CA ALA A 47 -3.60 1.51 -0.12
C ALA A 47 -2.44 0.97 -1.03
N GLY A 48 -2.40 1.72 -2.15
CA GLY A 48 -1.39 1.48 -3.17
C GLY A 48 -1.78 0.33 -4.09
N LEU A 49 -3.05 -0.06 -4.03
CA LEU A 49 -3.50 -1.21 -4.77
C LEU A 49 -4.07 -0.88 -6.11
N THR A 50 -4.16 -1.90 -6.97
CA THR A 50 -4.80 -1.68 -8.28
C THR A 50 -6.20 -2.33 -8.35
N THR A 51 -7.01 -1.76 -9.22
CA THR A 51 -8.43 -2.10 -9.36
C THR A 51 -8.88 -2.50 -10.74
N ALA A 52 -9.95 -3.29 -10.75
CA ALA A 52 -10.71 -3.51 -11.96
C ALA A 52 -12.07 -2.89 -11.65
N GLY A 53 -12.52 -1.98 -12.50
CA GLY A 53 -13.82 -1.34 -12.23
C GLY A 53 -15.03 -2.23 -12.43
N ILE A 54 -15.97 -2.09 -11.49
CA ILE A 54 -17.27 -2.80 -11.57
C ILE A 54 -18.37 -1.71 -11.55
N LEU A 69 -35.25 4.84 9.05
CA LEU A 69 -34.51 3.60 9.38
C LEU A 69 -34.26 3.26 10.90
N ARG A 70 -33.55 4.13 11.61
CA ARG A 70 -33.30 4.10 13.10
C ARG A 70 -32.11 3.34 13.57
N PHE A 71 -31.20 4.05 14.18
CA PHE A 71 -30.08 3.41 14.80
C PHE A 71 -29.91 3.98 16.15
N PRO A 72 -29.31 3.23 17.09
CA PRO A 72 -28.90 1.82 16.94
C PRO A 72 -30.02 0.90 16.73
N ASN A 73 -29.78 -0.20 16.03
CA ASN A 73 -30.79 -1.25 15.85
C ASN A 73 -30.33 -2.58 16.45
N PRO A 74 -30.62 -2.82 17.74
CA PRO A 74 -30.19 -4.03 18.45
C PRO A 74 -30.64 -5.35 17.80
N ALA A 75 -31.66 -5.29 16.93
CA ALA A 75 -32.14 -6.55 16.35
C ALA A 75 -31.03 -7.19 15.48
N PHE A 76 -30.05 -6.39 15.04
CA PHE A 76 -28.91 -7.09 14.41
C PHE A 76 -28.18 -8.05 15.26
N GLY A 77 -28.18 -7.81 16.55
CA GLY A 77 -27.54 -8.72 17.47
C GLY A 77 -28.50 -9.71 18.15
N GLN A 78 -29.65 -9.89 17.51
CA GLN A 78 -30.71 -10.77 18.05
C GLN A 78 -31.18 -11.74 16.96
N ARG A 79 -30.27 -12.63 16.52
CA ARG A 79 -30.55 -13.50 15.34
C ARG A 79 -31.61 -14.56 15.66
N ASP A 80 -31.77 -14.86 16.96
CA ASP A 80 -32.87 -15.79 17.43
C ASP A 80 -34.23 -15.10 17.56
N THR A 81 -34.38 -13.90 17.04
CA THR A 81 -35.68 -13.28 17.00
C THR A 81 -36.13 -13.13 15.57
N GLU A 82 -37.44 -12.87 15.39
CA GLU A 82 -37.99 -12.63 14.06
C GLU A 82 -37.47 -11.38 13.39
N ALA A 83 -37.29 -10.31 14.17
CA ALA A 83 -36.89 -9.02 13.63
C ALA A 83 -35.45 -9.20 13.18
N GLY A 84 -34.69 -9.99 13.94
CA GLY A 84 -33.20 -10.14 13.70
C GLY A 84 -32.99 -10.97 12.44
N ARG A 85 -33.74 -12.07 12.36
CA ARG A 85 -33.75 -12.93 11.15
C ARG A 85 -34.09 -12.11 9.93
N GLN A 86 -35.14 -11.28 9.95
CA GLN A 86 -35.51 -10.48 8.75
C GLN A 86 -34.42 -9.54 8.30
N LEU A 87 -33.74 -8.88 9.26
CA LEU A 87 -32.67 -7.97 8.87
C LEU A 87 -31.59 -8.72 8.14
N TRP A 88 -31.15 -9.85 8.72
CA TRP A 88 -30.04 -10.61 8.12
C TRP A 88 -30.52 -11.27 6.81
N GLU A 89 -31.78 -11.72 6.76
CA GLU A 89 -32.30 -12.29 5.48
C GLU A 89 -32.38 -11.22 4.36
N GLN A 90 -32.77 -9.99 4.73
CA GLN A 90 -32.87 -8.89 3.73
C GLN A 90 -31.47 -8.51 3.23
N THR A 91 -30.48 -8.48 4.13
CA THR A 91 -29.12 -8.29 3.71
C THR A 91 -28.69 -9.30 2.67
N ALA A 92 -28.93 -10.58 2.95
CA ALA A 92 -28.55 -11.63 2.00
C ALA A 92 -29.36 -11.46 0.70
N SER A 93 -30.63 -11.10 0.82
CA SER A 93 -31.37 -10.92 -0.41
C SER A 93 -30.77 -9.82 -1.31
N ASN A 94 -30.47 -8.66 -0.68
CA ASN A 94 -29.81 -7.58 -1.40
C ASN A 94 -28.55 -8.03 -2.03
N VAL A 95 -27.66 -8.68 -1.27
CA VAL A 95 -26.41 -9.13 -1.82
C VAL A 95 -26.55 -10.19 -2.93
N ALA A 96 -27.52 -11.10 -2.78
CA ALA A 96 -27.75 -12.11 -3.82
C ALA A 96 -28.21 -11.47 -5.14
N GLN A 97 -29.07 -10.46 -5.06
CA GLN A 97 -29.60 -9.84 -6.27
C GLN A 97 -28.50 -9.05 -6.96
N SER A 98 -27.68 -8.38 -6.15
CA SER A 98 -26.45 -7.73 -6.69
C SER A 98 -25.53 -8.66 -7.40
N SER A 99 -25.35 -9.88 -6.84
CA SER A 99 -24.52 -10.93 -7.44
C SER A 99 -25.02 -11.23 -8.82
N LEU A 100 -26.34 -11.45 -8.96
CA LEU A 100 -26.94 -11.71 -10.25
C LEU A 100 -26.85 -10.49 -11.17
N ASP A 101 -26.99 -9.31 -10.61
CA ASP A 101 -26.80 -8.11 -11.45
C ASP A 101 -25.42 -7.98 -12.00
N GLN A 102 -24.39 -8.32 -11.20
CA GLN A 102 -22.99 -8.05 -11.54
C GLN A 102 -22.24 -9.22 -12.12
N LEU A 103 -22.90 -10.36 -12.15
CA LEU A 103 -22.21 -11.57 -12.66
C LEU A 103 -21.49 -11.42 -14.05
N PRO A 104 -22.18 -10.82 -15.02
CA PRO A 104 -21.58 -10.69 -16.36
C PRO A 104 -20.27 -9.91 -16.29
N GLU A 105 -20.23 -8.83 -15.48
CA GLU A 105 -18.96 -8.06 -15.39
C GLU A 105 -17.87 -8.91 -14.75
N TYR A 106 -18.22 -9.68 -13.71
CA TYR A 106 -17.17 -10.50 -13.02
C TYR A 106 -16.70 -11.60 -13.90
N LEU A 107 -17.61 -12.16 -14.72
CA LEU A 107 -17.16 -13.25 -15.62
C LEU A 107 -16.25 -12.69 -16.71
N ARG A 108 -16.57 -11.49 -17.21
CA ARG A 108 -15.68 -10.83 -18.21
C ARG A 108 -14.28 -10.58 -17.63
N LEU A 109 -14.28 -10.12 -16.39
CA LEU A 109 -13.03 -9.76 -15.68
C LEU A 109 -12.22 -11.03 -15.44
N ALA A 110 -12.88 -12.08 -14.94
CA ALA A 110 -12.12 -13.34 -14.75
C ALA A 110 -11.51 -13.90 -16.04
N GLU A 111 -12.27 -13.78 -17.12
CA GLU A 111 -11.77 -14.29 -18.42
C GLU A 111 -10.60 -13.47 -18.95
N ALA A 112 -10.69 -12.16 -18.76
CA ALA A 112 -9.61 -11.17 -19.08
C ALA A 112 -8.36 -11.41 -18.23
N TRP A 113 -8.52 -11.35 -16.93
CA TRP A 113 -7.36 -11.33 -16.05
C TRP A 113 -6.87 -12.73 -15.60
N ARG A 114 -7.75 -13.75 -15.70
CA ARG A 114 -7.39 -15.15 -15.36
C ARG A 114 -6.79 -15.32 -13.96
N PRO A 115 -7.54 -15.02 -12.93
CA PRO A 115 -7.07 -15.24 -11.58
C PRO A 115 -6.88 -16.71 -11.27
N SER A 116 -5.98 -17.01 -10.36
CA SER A 116 -5.91 -18.37 -9.89
C SER A 116 -6.60 -18.64 -8.58
N VAL A 117 -7.00 -17.60 -7.86
CA VAL A 117 -7.62 -17.85 -6.59
C VAL A 117 -8.41 -16.55 -6.34
N LEU A 118 -9.56 -16.72 -5.69
CA LEU A 118 -10.44 -15.61 -5.35
C LEU A 118 -10.37 -15.41 -3.84
N LEU A 119 -10.06 -14.18 -3.39
CA LEU A 119 -10.07 -13.84 -1.97
C LEU A 119 -11.32 -12.99 -1.80
N VAL A 120 -12.28 -13.52 -1.05
CA VAL A 120 -13.64 -13.02 -1.13
C VAL A 120 -14.11 -12.64 0.24
N ASP A 121 -14.64 -11.41 0.42
CA ASP A 121 -15.28 -11.07 1.69
C ASP A 121 -16.40 -12.08 2.02
N VAL A 122 -16.52 -12.49 3.30
CA VAL A 122 -17.56 -13.48 3.69
C VAL A 122 -18.92 -13.13 3.20
N CYS A 123 -19.28 -11.85 3.21
CA CYS A 123 -20.59 -11.43 2.69
C CYS A 123 -20.68 -11.16 1.19
N ALA A 124 -19.55 -11.16 0.47
CA ALA A 124 -19.62 -10.86 -0.95
C ALA A 124 -19.96 -12.13 -1.73
N LEU A 125 -21.25 -12.49 -1.72
CA LEU A 125 -21.71 -13.70 -2.31
C LEU A 125 -21.36 -13.86 -3.76
N ILE A 126 -21.26 -12.76 -4.52
CA ILE A 126 -20.77 -12.89 -5.91
C ILE A 126 -19.48 -13.68 -6.02
N GLY A 127 -18.51 -13.46 -5.09
CA GLY A 127 -17.27 -14.24 -5.20
C GLY A 127 -17.40 -15.75 -5.10
N ARG A 128 -18.33 -16.19 -4.28
CA ARG A 128 -18.65 -17.59 -4.17
C ARG A 128 -19.34 -18.15 -5.46
N VAL A 129 -20.30 -17.40 -6.00
CA VAL A 129 -20.93 -17.74 -7.29
C VAL A 129 -19.81 -17.83 -8.34
N LEU A 130 -18.97 -16.80 -8.43
CA LEU A 130 -17.92 -16.76 -9.45
C LEU A 130 -17.00 -17.98 -9.30
N GLY A 131 -16.59 -18.29 -8.08
CA GLY A 131 -15.79 -19.45 -7.84
C GLY A 131 -16.38 -20.78 -8.29
N GLY A 132 -17.67 -20.99 -8.03
CA GLY A 132 -18.35 -22.21 -8.53
C GLY A 132 -18.41 -22.26 -10.06
N LEU A 133 -18.90 -21.20 -10.64
CA LEU A 133 -19.07 -21.14 -12.09
C LEU A 133 -17.77 -21.25 -12.85
N LEU A 134 -16.68 -20.74 -12.29
CA LEU A 134 -15.38 -20.83 -12.94
C LEU A 134 -14.46 -21.93 -12.43
N ASP A 135 -14.95 -22.72 -11.50
CA ASP A 135 -14.10 -23.73 -10.87
C ASP A 135 -12.74 -23.17 -10.38
N LEU A 136 -12.78 -22.03 -9.67
CA LEU A 136 -11.58 -21.51 -9.01
C LEU A 136 -11.80 -21.60 -7.50
N PRO A 137 -10.70 -21.86 -6.77
CA PRO A 137 -10.66 -21.89 -5.28
C PRO A 137 -11.02 -20.55 -4.70
N VAL A 138 -11.84 -20.59 -3.64
CA VAL A 138 -12.31 -19.42 -2.97
C VAL A 138 -11.77 -19.47 -1.55
N VAL A 139 -11.07 -18.41 -1.17
CA VAL A 139 -10.66 -18.27 0.22
C VAL A 139 -11.53 -17.15 0.75
N LEU A 140 -12.39 -17.45 1.72
CA LEU A 140 -13.23 -16.43 2.30
C LEU A 140 -12.41 -15.64 3.34
N HIS A 141 -12.72 -14.34 3.48
CA HIS A 141 -12.04 -13.49 4.50
C HIS A 141 -13.04 -12.79 5.41
N ARG A 142 -12.97 -13.07 6.72
CA ARG A 142 -13.75 -12.35 7.69
C ARG A 142 -13.10 -11.02 7.98
N TRP A 143 -13.93 -9.99 8.16
CA TRP A 143 -13.36 -8.71 8.64
C TRP A 143 -13.25 -8.68 10.16
N GLY A 144 -13.96 -9.57 10.83
CA GLY A 144 -13.96 -9.56 12.30
C GLY A 144 -15.02 -10.55 12.84
N VAL A 145 -15.86 -10.08 13.75
CA VAL A 145 -16.97 -10.92 14.27
C VAL A 145 -17.90 -11.22 13.08
N ASP A 146 -18.28 -12.48 12.94
CA ASP A 146 -19.01 -12.94 11.71
C ASP A 146 -20.35 -13.49 12.20
N PRO A 147 -21.46 -12.70 12.05
CA PRO A 147 -22.79 -13.18 12.47
C PRO A 147 -23.60 -13.69 11.29
N THR A 148 -22.93 -14.22 10.28
CA THR A 148 -23.66 -14.62 9.07
C THR A 148 -24.27 -15.98 9.08
N ALA A 149 -23.89 -16.84 10.03
CA ALA A 149 -24.50 -18.20 10.14
C ALA A 149 -25.98 -18.23 10.34
N GLY A 150 -26.69 -17.27 10.82
CA GLY A 150 -28.04 -18.14 10.63
C GLY A 150 -28.90 -17.86 9.39
N PRO A 151 -29.73 -16.89 9.58
CA PRO A 151 -30.58 -16.24 8.61
C PRO A 151 -29.86 -15.80 7.34
N PHE A 152 -28.69 -15.18 7.45
CA PHE A 152 -27.96 -14.70 6.25
C PHE A 152 -27.52 -15.89 5.38
N SER A 153 -26.84 -16.85 5.96
CA SER A 153 -26.28 -17.90 5.15
C SER A 153 -27.42 -18.78 4.58
N ASP A 154 -28.48 -18.94 5.35
CA ASP A 154 -29.63 -19.74 4.85
C ASP A 154 -30.31 -19.07 3.67
N ARG A 155 -30.50 -17.75 3.73
CA ARG A 155 -31.09 -17.00 2.61
C ARG A 155 -30.18 -16.99 1.41
N ALA A 156 -28.87 -16.84 1.63
CA ALA A 156 -27.93 -16.92 0.51
C ALA A 156 -28.01 -18.27 -0.25
N HIS A 157 -28.13 -19.38 0.48
CA HIS A 157 -28.30 -20.70 -0.12
C HIS A 157 -29.67 -20.77 -0.81
N GLU A 158 -30.71 -20.27 -0.16
CA GLU A 158 -32.06 -20.33 -0.78
C GLU A 158 -32.12 -19.65 -2.16
N LEU A 159 -31.50 -18.48 -2.29
CA LEU A 159 -31.50 -17.75 -3.52
C LEU A 159 -30.43 -18.23 -4.51
N LEU A 160 -29.26 -18.62 -4.00
CA LEU A 160 -28.15 -18.96 -4.90
C LEU A 160 -27.86 -20.42 -5.25
N ASP A 161 -28.36 -21.36 -4.47
CA ASP A 161 -28.18 -22.76 -4.78
C ASP A 161 -28.80 -23.07 -6.17
N PRO A 162 -30.02 -22.53 -6.46
CA PRO A 162 -30.66 -22.72 -7.80
C PRO A 162 -29.84 -22.21 -8.94
N VAL A 163 -29.32 -20.99 -8.82
CA VAL A 163 -28.44 -20.48 -9.78
C VAL A 163 -27.27 -21.42 -10.04
N CYS A 164 -26.62 -21.85 -8.96
CA CYS A 164 -25.45 -22.67 -9.08
C CYS A 164 -25.85 -24.04 -9.65
N ARG A 165 -27.05 -24.51 -9.29
CA ARG A 165 -27.58 -25.78 -9.86
C ARG A 165 -27.83 -25.67 -11.35
N HIS A 166 -28.29 -24.51 -11.82
CA HIS A 166 -28.46 -24.36 -13.27
C HIS A 166 -27.13 -24.48 -13.99
N HIS A 167 -26.05 -24.04 -13.35
CA HIS A 167 -24.75 -24.21 -13.99
C HIS A 167 -24.06 -25.49 -13.62
N GLY A 168 -24.81 -26.49 -13.15
CA GLY A 168 -24.24 -27.84 -12.99
C GLY A 168 -23.60 -28.18 -11.66
N LEU A 169 -23.69 -27.28 -10.68
CA LEU A 169 -23.14 -27.49 -9.35
C LEU A 169 -24.20 -28.03 -8.39
N THR A 170 -23.75 -28.48 -7.22
CA THR A 170 -24.65 -28.94 -6.16
C THR A 170 -25.50 -27.81 -5.56
N GLY A 171 -24.92 -26.60 -5.62
CA GLY A 171 -25.48 -25.41 -4.96
C GLY A 171 -24.28 -24.47 -4.78
N LEU A 172 -24.49 -23.41 -4.02
CA LEU A 172 -23.43 -22.46 -3.66
C LEU A 172 -22.30 -23.23 -2.97
N PRO A 173 -21.09 -23.24 -3.55
CA PRO A 173 -20.07 -24.18 -3.02
C PRO A 173 -19.59 -23.80 -1.60
N THR A 174 -19.12 -24.81 -0.86
CA THR A 174 -18.33 -24.56 0.35
C THR A 174 -16.97 -23.94 -0.05
N PRO A 175 -16.55 -22.87 0.65
CA PRO A 175 -15.23 -22.33 0.26
C PRO A 175 -14.09 -23.27 0.65
N GLU A 176 -12.96 -23.11 -0.01
CA GLU A 176 -11.72 -23.85 0.31
C GLU A 176 -11.24 -23.62 1.72
N LEU A 177 -11.43 -22.38 2.24
CA LEU A 177 -10.71 -21.95 3.44
C LEU A 177 -11.48 -20.67 3.87
N ILE A 178 -11.60 -20.43 5.18
CA ILE A 178 -12.07 -19.09 5.69
C ILE A 178 -10.92 -18.52 6.48
N LEU A 179 -10.54 -17.25 6.21
CA LEU A 179 -9.48 -16.66 7.07
C LEU A 179 -10.16 -15.77 8.12
N ASP A 180 -9.68 -15.80 9.36
CA ASP A 180 -10.39 -15.12 10.45
C ASP A 180 -9.38 -14.35 11.33
N PRO A 181 -9.46 -12.98 11.33
CA PRO A 181 -8.59 -12.20 12.18
C PRO A 181 -9.25 -11.90 13.57
N CYS A 182 -10.50 -12.33 13.79
CA CYS A 182 -11.09 -12.10 15.09
C CYS A 182 -10.45 -12.90 16.25
N PRO A 183 -10.15 -12.23 17.38
CA PRO A 183 -9.70 -12.95 18.55
C PRO A 183 -10.67 -14.14 18.79
N PRO A 184 -10.20 -15.42 18.86
CA PRO A 184 -11.19 -16.53 18.93
C PRO A 184 -12.15 -16.43 20.08
N SER A 185 -11.72 -15.85 21.22
CA SER A 185 -12.64 -15.80 22.41
C SER A 185 -13.81 -14.88 22.09
N LEU A 186 -13.66 -13.97 21.10
CA LEU A 186 -14.77 -13.01 20.77
C LEU A 186 -15.60 -13.42 19.59
N GLN A 187 -15.27 -14.51 18.87
CA GLN A 187 -15.98 -14.78 17.64
C GLN A 187 -17.35 -15.36 17.95
N ALA A 188 -18.39 -15.06 17.13
CA ALA A 188 -19.71 -15.59 17.29
C ALA A 188 -19.66 -17.13 17.37
N SER A 189 -20.40 -17.65 18.35
CA SER A 189 -20.34 -19.09 18.59
C SER A 189 -20.73 -19.92 17.39
N ASP A 190 -21.58 -19.43 16.50
CA ASP A 190 -22.01 -20.23 15.35
C ASP A 190 -21.29 -20.01 14.04
N ALA A 191 -20.17 -19.29 14.10
CA ALA A 191 -19.36 -19.10 12.90
C ALA A 191 -18.49 -20.36 12.67
N PRO A 192 -18.52 -20.93 11.45
CA PRO A 192 -17.75 -22.13 11.12
C PRO A 192 -16.29 -21.87 11.39
N GLN A 193 -15.49 -22.91 11.65
CA GLN A 193 -14.07 -22.69 11.94
C GLN A 193 -13.31 -22.01 10.75
N GLY A 194 -12.48 -21.04 11.05
CA GLY A 194 -11.62 -20.43 10.05
C GLY A 194 -10.17 -20.41 10.53
N ALA A 195 -9.27 -20.36 9.60
CA ALA A 195 -7.85 -20.34 9.89
C ALA A 195 -7.45 -18.93 10.46
N PRO A 196 -6.59 -18.89 11.51
CA PRO A 196 -6.21 -17.59 12.09
C PRO A 196 -5.34 -16.79 11.16
N VAL A 197 -5.61 -15.47 11.09
CA VAL A 197 -4.63 -14.56 10.48
C VAL A 197 -4.52 -13.35 11.39
N GLN A 198 -3.30 -12.97 11.79
CA GLN A 198 -3.11 -11.87 12.76
C GLN A 198 -3.56 -10.51 12.16
N TYR A 199 -4.39 -9.79 12.93
CA TYR A 199 -4.85 -8.44 12.55
C TYR A 199 -3.60 -7.54 12.55
N VAL A 200 -3.41 -6.79 11.45
CA VAL A 200 -2.35 -5.77 11.38
C VAL A 200 -3.10 -4.48 11.25
N PRO A 201 -2.85 -3.54 12.15
CA PRO A 201 -3.65 -2.34 12.03
C PRO A 201 -3.34 -1.65 10.71
N TYR A 202 -4.37 -1.40 9.94
CA TYR A 202 -4.28 -0.55 8.79
C TYR A 202 -5.46 0.31 8.86
N ASN A 203 -5.17 1.60 9.07
CA ASN A 203 -6.23 2.59 9.18
C ASN A 203 -6.05 3.72 8.15
N GLY A 204 -5.48 3.41 7.00
CA GLY A 204 -5.33 4.40 5.93
C GLY A 204 -3.93 5.01 6.04
N SER A 205 -3.67 5.94 5.13
CA SER A 205 -2.42 6.70 5.16
C SER A 205 -2.56 8.02 5.90
N GLY A 206 -1.44 8.68 6.20
CA GLY A 206 -1.50 9.93 6.92
C GLY A 206 -0.19 10.19 7.64
N ALA A 207 -0.19 11.24 8.45
CA ALA A 207 1.03 11.81 9.02
C ALA A 207 1.03 11.62 10.52
N PHE A 208 2.20 11.30 11.05
CA PHE A 208 2.41 11.09 12.50
C PHE A 208 2.33 12.44 13.20
N PRO A 209 1.34 12.63 14.11
CA PRO A 209 1.20 13.99 14.63
C PRO A 209 2.18 14.22 15.79
N ALA A 210 2.70 15.43 15.96
CA ALA A 210 3.63 15.61 17.10
C ALA A 210 2.99 15.28 18.46
N TRP A 211 1.72 15.61 18.62
CA TRP A 211 1.01 15.32 19.85
C TRP A 211 0.82 13.81 20.10
N GLY A 212 1.20 12.98 19.12
CA GLY A 212 0.96 11.53 19.16
C GLY A 212 2.10 10.74 19.72
N ALA A 213 3.18 11.43 20.11
CA ALA A 213 4.39 10.70 20.55
C ALA A 213 4.27 10.22 21.99
N ALA A 214 3.58 11.03 22.82
CA ALA A 214 3.57 10.78 24.24
C ALA A 214 2.22 11.21 24.80
N ARG A 215 1.80 10.57 25.89
CA ARG A 215 0.66 11.11 26.63
C ARG A 215 1.06 12.37 27.44
N THR A 216 0.05 12.97 28.05
CA THR A 216 0.26 14.20 28.84
C THR A 216 -0.34 13.86 30.19
N SER A 217 -0.47 14.87 31.03
CA SER A 217 -1.04 14.65 32.38
C SER A 217 -2.53 14.26 32.26
N ALA A 218 -3.18 14.64 31.16
CA ALA A 218 -4.62 14.42 31.05
C ALA A 218 -4.92 12.96 30.76
N ARG A 219 -6.17 12.59 30.92
CA ARG A 219 -6.62 11.18 30.63
C ARG A 219 -7.12 11.19 29.17
N ARG A 220 -6.32 10.65 28.26
CA ARG A 220 -6.61 10.83 26.86
C ARG A 220 -7.61 9.75 26.39
N VAL A 221 -8.75 10.19 25.85
CA VAL A 221 -9.80 9.32 25.40
C VAL A 221 -9.95 9.61 23.91
N CYS A 222 -9.86 8.58 23.04
CA CYS A 222 -10.10 8.82 21.62
C CYS A 222 -11.55 8.43 21.26
N ILE A 223 -12.24 9.26 20.48
CA ILE A 223 -13.55 8.98 19.95
C ILE A 223 -13.35 8.82 18.47
N CYS A 224 -13.62 7.60 17.96
CA CYS A 224 -13.33 7.26 16.59
C CYS A 224 -14.53 6.53 15.99
N MET A 225 -15.18 7.21 15.06
CA MET A 225 -16.37 6.71 14.33
C MET A 225 -16.15 6.95 12.83
N GLY A 226 -16.37 5.91 12.01
CA GLY A 226 -16.15 6.03 10.55
C GLY A 226 -17.29 6.63 9.72
N ARG A 227 -17.00 6.86 8.44
CA ARG A 227 -17.95 7.37 7.53
C ARG A 227 -19.19 6.52 7.45
N MET A 228 -19.03 5.21 7.30
CA MET A 228 -20.28 4.43 7.02
C MET A 228 -21.22 4.51 8.21
N VAL A 229 -20.67 4.34 9.40
CA VAL A 229 -21.48 4.40 10.63
C VAL A 229 -22.17 5.76 10.76
N LEU A 230 -21.45 6.88 10.65
CA LEU A 230 -22.05 8.22 10.80
C LEU A 230 -22.99 8.61 9.68
N ASN A 231 -22.69 8.15 8.46
CA ASN A 231 -23.66 8.25 7.35
C ASN A 231 -24.98 7.60 7.74
N ALA A 232 -24.89 6.49 8.45
CA ALA A 232 -26.09 5.75 8.79
C ALA A 232 -26.82 6.37 10.00
N THR A 233 -26.07 6.73 11.04
CA THR A 233 -26.58 7.14 12.34
C THR A 233 -26.97 8.64 12.43
N GLY A 234 -26.33 9.48 11.65
CA GLY A 234 -26.39 10.90 11.93
C GLY A 234 -25.46 11.24 13.08
N PRO A 235 -25.54 12.50 13.59
CA PRO A 235 -24.55 12.95 14.57
C PRO A 235 -24.69 12.31 15.95
N ALA A 236 -25.83 11.71 16.26
CA ALA A 236 -26.12 11.39 17.68
C ALA A 236 -25.04 10.62 18.44
N PRO A 237 -24.45 9.53 17.90
CA PRO A 237 -23.44 8.79 18.70
C PRO A 237 -22.14 9.61 18.93
N LEU A 238 -21.83 10.48 17.97
CA LEU A 238 -20.66 11.35 18.09
C LEU A 238 -20.95 12.43 19.12
N LEU A 239 -22.13 13.04 19.04
CA LEU A 239 -22.40 14.13 19.99
C LEU A 239 -22.44 13.54 21.38
N ARG A 240 -23.06 12.34 21.49
CA ARG A 240 -23.21 11.72 22.81
C ARG A 240 -21.86 11.42 23.39
N ALA A 241 -20.93 10.90 22.59
CA ALA A 241 -19.60 10.55 23.13
C ALA A 241 -18.79 11.77 23.47
N VAL A 242 -18.87 12.81 22.64
CA VAL A 242 -18.10 14.07 22.87
C VAL A 242 -18.59 14.71 24.20
N ALA A 243 -19.90 14.71 24.43
CA ALA A 243 -20.46 15.32 25.66
C ALA A 243 -20.03 14.50 26.88
N ALA A 244 -20.19 13.18 26.83
CA ALA A 244 -19.82 12.38 27.97
C ALA A 244 -18.31 12.51 28.27
N ALA A 245 -17.47 12.48 27.24
CA ALA A 245 -16.02 12.50 27.47
C ALA A 245 -15.58 13.87 27.97
N THR A 246 -16.01 14.92 27.30
CA THR A 246 -15.36 16.22 27.59
C THR A 246 -15.82 16.81 28.92
N GLU A 247 -16.97 16.38 29.40
CA GLU A 247 -17.46 16.82 30.67
C GLU A 247 -16.79 16.18 31.86
N LEU A 248 -16.07 15.08 31.64
CA LEU A 248 -15.49 14.33 32.71
C LEU A 248 -14.20 14.98 33.14
N PRO A 249 -13.99 15.09 34.52
CA PRO A 249 -12.80 15.75 35.04
C PRO A 249 -11.64 14.94 34.57
N GLY A 250 -10.63 15.62 34.05
CA GLY A 250 -9.39 14.94 33.76
C GLY A 250 -9.19 14.68 32.27
N VAL A 251 -10.27 14.64 31.50
CA VAL A 251 -10.23 14.03 30.16
C VAL A 251 -9.79 15.00 29.08
N GLU A 252 -8.93 14.51 28.18
CA GLU A 252 -8.66 15.16 26.92
C GLU A 252 -9.26 14.24 25.85
N ALA A 253 -10.18 14.75 25.04
CA ALA A 253 -10.86 13.97 23.97
C ALA A 253 -10.15 14.13 22.64
N VAL A 254 -9.67 13.05 22.02
CA VAL A 254 -9.09 13.18 20.67
C VAL A 254 -10.14 12.67 19.72
N ILE A 255 -10.63 13.53 18.82
CA ILE A 255 -11.83 13.15 18.02
C ILE A 255 -11.39 12.84 16.61
N ALA A 256 -11.62 11.58 16.22
CA ALA A 256 -11.19 11.05 14.91
C ALA A 256 -12.42 10.68 14.08
N VAL A 257 -12.92 11.59 13.23
CA VAL A 257 -14.10 11.32 12.38
C VAL A 257 -13.73 11.81 10.98
N PRO A 258 -14.45 11.37 9.93
CA PRO A 258 -14.14 11.74 8.55
C PRO A 258 -14.30 13.22 8.34
N PRO A 259 -13.58 13.80 7.37
CA PRO A 259 -13.62 15.23 7.14
C PRO A 259 -15.05 15.82 7.05
N GLU A 260 -15.93 15.18 6.28
CA GLU A 260 -17.32 15.75 6.14
C GLU A 260 -18.18 15.70 7.41
N HIS A 261 -17.77 14.91 8.40
CA HIS A 261 -18.49 14.87 9.68
C HIS A 261 -17.93 15.81 10.75
N ARG A 262 -16.89 16.58 10.41
CA ARG A 262 -16.20 17.42 11.35
C ARG A 262 -17.05 18.67 11.62
N ALA A 263 -17.87 19.05 10.63
CA ALA A 263 -18.77 20.21 10.80
C ALA A 263 -19.85 20.02 11.89
N LEU A 264 -20.18 18.76 12.19
CA LEU A 264 -21.09 18.43 13.28
C LEU A 264 -20.60 18.92 14.68
N LEU A 265 -19.30 19.16 14.82
CA LEU A 265 -18.70 19.47 16.09
C LEU A 265 -18.59 20.97 16.37
N THR A 266 -19.66 21.61 16.77
CA THR A 266 -19.58 23.04 17.10
C THR A 266 -19.21 23.34 18.56
N ASP A 267 -18.74 24.57 18.81
CA ASP A 267 -18.35 25.04 20.16
C ASP A 267 -17.56 23.98 20.89
N LEU A 268 -16.63 23.37 20.15
CA LEU A 268 -15.75 22.36 20.66
C LEU A 268 -15.06 22.87 21.94
N PRO A 269 -15.10 22.10 23.03
CA PRO A 269 -14.41 22.58 24.24
C PRO A 269 -12.94 22.55 24.12
N ASP A 270 -12.29 23.18 25.10
CA ASP A 270 -10.88 23.40 25.03
C ASP A 270 -10.16 22.07 25.32
N ASN A 271 -10.88 21.09 25.93
CA ASN A 271 -10.27 19.74 26.19
C ASN A 271 -10.61 18.69 25.08
N ALA A 272 -10.88 19.19 23.88
CA ALA A 272 -11.06 18.37 22.70
C ALA A 272 -10.09 18.73 21.59
N ARG A 273 -9.63 17.75 20.82
CA ARG A 273 -8.86 18.03 19.63
C ARG A 273 -9.48 17.25 18.48
N ILE A 274 -9.65 17.91 17.32
CA ILE A 274 -10.10 17.25 16.10
C ILE A 274 -8.88 16.74 15.37
N ALA A 275 -8.73 15.42 15.25
CA ALA A 275 -7.55 14.83 14.56
C ALA A 275 -7.69 15.00 13.05
N GLU A 276 -6.61 15.43 12.42
CA GLU A 276 -6.65 15.79 11.01
C GLU A 276 -6.43 14.60 10.07
N SER A 277 -7.39 13.71 9.97
CA SER A 277 -7.29 12.48 9.09
C SER A 277 -6.05 11.65 9.48
N VAL A 278 -5.92 11.32 10.75
CA VAL A 278 -4.69 10.72 11.24
C VAL A 278 -5.01 9.27 11.58
N PRO A 279 -4.34 8.31 10.92
CA PRO A 279 -4.52 6.87 11.19
C PRO A 279 -4.40 6.57 12.68
N LEU A 280 -5.43 5.89 13.21
CA LEU A 280 -5.50 5.60 14.62
C LEU A 280 -4.21 5.05 15.22
N ASN A 281 -3.58 4.12 14.53
CA ASN A 281 -2.48 3.43 15.10
C ASN A 281 -1.28 4.34 15.34
N LEU A 282 -1.23 5.49 14.69
CA LEU A 282 -0.11 6.41 14.88
C LEU A 282 -0.09 7.05 16.28
N PHE A 283 -1.23 7.11 16.96
CA PHE A 283 -1.29 7.79 18.27
C PHE A 283 -2.06 7.03 19.34
N LEU A 284 -2.72 5.95 18.95
CA LEU A 284 -3.57 5.30 19.91
C LEU A 284 -2.86 4.77 21.17
N ARG A 285 -1.58 4.38 21.08
CA ARG A 285 -0.89 3.93 22.28
C ARG A 285 -0.84 4.99 23.41
N THR A 286 -1.05 6.26 23.07
CA THR A 286 -1.05 7.26 24.11
C THR A 286 -2.45 7.48 24.68
N CYS A 287 -3.40 6.62 24.33
CA CYS A 287 -4.82 6.84 24.83
C CYS A 287 -5.18 5.79 25.84
N GLU A 288 -6.06 6.14 26.82
CA GLU A 288 -6.36 5.12 27.82
C GLU A 288 -7.74 4.45 27.52
N LEU A 289 -8.46 4.98 26.53
CA LEU A 289 -9.81 4.46 26.23
C LEU A 289 -10.15 4.84 24.79
N VAL A 290 -10.89 3.97 24.05
CA VAL A 290 -11.36 4.31 22.75
C VAL A 290 -12.89 4.27 22.82
N ILE A 291 -13.57 5.33 22.38
CA ILE A 291 -15.08 5.21 22.32
C ILE A 291 -15.34 5.05 20.82
N CYS A 292 -16.06 3.99 20.47
CA CYS A 292 -16.29 3.69 19.06
C CYS A 292 -17.61 2.97 18.87
N ALA A 293 -17.93 2.60 17.64
CA ALA A 293 -19.25 1.96 17.42
C ALA A 293 -19.05 0.42 17.34
N GLY A 294 -17.80 -0.06 17.32
CA GLY A 294 -17.54 -1.50 17.29
C GLY A 294 -17.18 -2.05 15.90
N GLY A 295 -16.97 -1.18 14.95
CA GLY A 295 -16.36 -1.54 13.64
C GLY A 295 -14.99 -2.12 13.89
N SER A 296 -14.70 -3.14 13.11
CA SER A 296 -13.53 -3.92 13.41
C SER A 296 -12.21 -3.13 13.26
N GLY A 297 -12.05 -2.24 12.31
CA GLY A 297 -10.69 -1.62 12.16
C GLY A 297 -10.29 -0.79 13.39
N THR A 298 -11.22 0.07 13.84
CA THR A 298 -11.00 0.88 15.07
C THR A 298 -10.85 -0.07 16.25
N ALA A 299 -11.79 -1.00 16.36
CA ALA A 299 -11.81 -1.87 17.59
C ALA A 299 -10.65 -2.85 17.63
N PHE A 300 -10.32 -3.47 16.50
CA PHE A 300 -9.23 -4.42 16.50
C PHE A 300 -7.89 -3.68 16.67
N THR A 301 -7.80 -2.43 16.19
CA THR A 301 -6.56 -1.69 16.40
C THR A 301 -6.42 -1.41 17.89
N ALA A 302 -7.52 -0.93 18.52
CA ALA A 302 -7.51 -0.72 19.94
C ALA A 302 -7.13 -2.04 20.67
N THR A 303 -7.77 -3.14 20.29
CA THR A 303 -7.64 -4.41 21.04
C THR A 303 -6.17 -4.91 20.88
N ARG A 304 -5.67 -4.81 19.65
CA ARG A 304 -4.24 -5.15 19.36
C ARG A 304 -3.24 -4.42 20.27
N LEU A 305 -3.53 -3.15 20.58
CA LEU A 305 -2.66 -2.31 21.33
C LEU A 305 -2.97 -2.35 22.86
N GLY A 306 -3.94 -3.15 23.27
CA GLY A 306 -4.31 -3.39 24.69
C GLY A 306 -5.10 -2.21 25.28
N ILE A 307 -5.87 -1.51 24.43
CA ILE A 307 -6.61 -0.30 24.83
C ILE A 307 -8.11 -0.67 24.99
N PRO A 308 -8.65 -0.47 26.20
CA PRO A 308 -10.06 -0.84 26.35
C PRO A 308 -10.98 0.11 25.59
N GLN A 309 -12.21 -0.35 25.37
CA GLN A 309 -13.15 0.38 24.56
C GLN A 309 -14.49 0.50 25.23
N LEU A 310 -15.09 1.64 24.99
CA LEU A 310 -16.51 1.86 25.34
C LEU A 310 -17.24 1.83 23.97
N VAL A 311 -18.18 0.88 23.80
CA VAL A 311 -18.65 0.53 22.47
C VAL A 311 -20.14 0.92 22.38
N LEU A 312 -20.45 1.69 21.36
CA LEU A 312 -21.88 2.06 21.11
C LEU A 312 -22.30 1.39 19.85
N PRO A 313 -22.67 0.09 19.92
CA PRO A 313 -22.97 -0.59 18.67
C PRO A 313 -24.24 -0.05 17.95
N GLN A 314 -24.22 -0.16 16.65
CA GLN A 314 -25.27 0.42 15.78
C GLN A 314 -25.91 -0.62 14.89
N TYR A 315 -25.10 -1.46 14.24
CA TYR A 315 -25.64 -2.30 13.21
C TYR A 315 -24.72 -3.51 12.97
N PHE A 316 -25.20 -4.42 12.10
CA PHE A 316 -24.43 -5.63 11.69
C PHE A 316 -23.80 -6.41 12.84
N ASP A 317 -22.46 -6.53 12.85
CA ASP A 317 -21.75 -7.37 13.82
C ASP A 317 -21.42 -6.61 15.06
N GLN A 318 -21.85 -5.34 15.16
CA GLN A 318 -21.34 -4.47 16.26
C GLN A 318 -21.85 -4.84 17.65
N PHE A 319 -23.09 -5.31 17.75
CA PHE A 319 -23.66 -5.80 19.03
C PHE A 319 -22.96 -6.97 19.60
N ASP A 320 -22.67 -7.98 18.74
CA ASP A 320 -21.87 -9.13 19.14
C ASP A 320 -20.51 -8.74 19.61
N TYR A 321 -19.78 -7.92 18.84
CA TYR A 321 -18.45 -7.52 19.31
C TYR A 321 -18.56 -6.79 20.63
N ALA A 322 -19.51 -5.86 20.73
CA ALA A 322 -19.62 -5.07 21.96
C ALA A 322 -19.89 -5.95 23.22
N ARG A 323 -20.85 -6.87 23.11
CA ARG A 323 -21.21 -7.77 24.17
C ARG A 323 -20.01 -8.67 24.54
N ASN A 324 -19.29 -9.09 23.52
CA ASN A 324 -18.27 -10.09 23.83
C ASN A 324 -17.05 -9.42 24.39
N LEU A 325 -16.76 -8.22 23.91
CA LEU A 325 -15.67 -7.42 24.48
C LEU A 325 -15.92 -7.12 25.98
N ALA A 326 -17.13 -6.69 26.31
CA ALA A 326 -17.51 -6.44 27.72
C ALA A 326 -17.43 -7.69 28.55
N ALA A 327 -17.91 -8.80 28.00
CA ALA A 327 -17.82 -10.06 28.77
C ALA A 327 -16.38 -10.39 29.10
N ALA A 328 -15.48 -10.05 28.17
CA ALA A 328 -14.00 -10.22 28.36
C ALA A 328 -13.38 -9.35 29.41
N GLY A 329 -14.13 -8.35 29.91
CA GLY A 329 -13.62 -7.40 30.89
C GLY A 329 -12.88 -6.23 30.23
N ALA A 330 -12.80 -6.19 28.90
CA ALA A 330 -11.89 -5.28 28.16
C ALA A 330 -12.62 -4.01 27.73
N GLY A 331 -13.86 -3.86 28.18
CA GLY A 331 -14.60 -2.64 27.75
C GLY A 331 -15.97 -2.64 28.38
N ILE A 332 -16.71 -1.61 27.98
CA ILE A 332 -18.10 -1.47 28.44
C ILE A 332 -18.95 -1.35 27.16
N CYS A 333 -20.11 -2.04 27.14
CA CYS A 333 -21.03 -1.95 26.04
C CYS A 333 -22.25 -1.05 26.45
N LEU A 334 -22.61 -0.03 25.65
CA LEU A 334 -23.96 0.62 25.83
C LEU A 334 -24.83 0.04 24.71
N PRO A 335 -25.76 -0.87 25.06
CA PRO A 335 -26.21 -1.83 24.01
C PRO A 335 -27.34 -1.36 23.16
N ASP A 336 -27.92 -0.24 23.54
CA ASP A 336 -29.13 0.23 22.79
C ASP A 336 -29.30 1.72 22.98
N GLU A 337 -30.33 2.32 22.33
CA GLU A 337 -30.46 3.73 22.38
C GLU A 337 -30.68 4.33 23.76
N GLN A 338 -31.47 3.63 24.60
CA GLN A 338 -31.67 4.08 25.96
C GLN A 338 -30.39 4.18 26.77
N ALA A 339 -29.47 3.21 26.60
CA ALA A 339 -28.15 3.33 27.23
C ALA A 339 -27.29 4.40 26.59
N GLN A 340 -27.26 4.42 25.28
CA GLN A 340 -26.33 5.34 24.58
C GLN A 340 -26.66 6.82 24.82
N SER A 341 -27.96 7.10 25.02
CA SER A 341 -28.50 8.46 25.23
C SER A 341 -28.59 8.79 26.74
N ASP A 342 -28.14 7.89 27.61
CA ASP A 342 -28.17 8.08 29.09
C ASP A 342 -26.85 8.78 29.42
N HIS A 343 -26.86 10.10 29.47
CA HIS A 343 -25.62 10.89 29.58
C HIS A 343 -24.92 10.55 30.89
N GLU A 344 -25.71 10.41 31.93
CA GLU A 344 -25.08 10.01 33.20
C GLU A 344 -24.38 8.64 33.18
N GLN A 345 -25.06 7.66 32.63
CA GLN A 345 -24.54 6.30 32.55
C GLN A 345 -23.28 6.28 31.65
N PHE A 346 -23.33 7.04 30.56
CA PHE A 346 -22.21 7.13 29.59
C PHE A 346 -20.97 7.71 30.28
N THR A 347 -21.18 8.85 30.97
CA THR A 347 -20.10 9.48 31.74
C THR A 347 -19.56 8.54 32.80
N ASP A 348 -20.46 7.87 33.53
CA ASP A 348 -20.05 6.99 34.61
C ASP A 348 -19.22 5.82 34.02
N SER A 349 -19.54 5.42 32.80
CA SER A 349 -18.84 4.28 32.16
C SER A 349 -17.41 4.69 31.83
N ILE A 350 -17.24 5.88 31.32
CA ILE A 350 -15.90 6.37 31.05
C ILE A 350 -15.08 6.44 32.31
N ALA A 351 -15.64 7.03 33.36
CA ALA A 351 -14.96 7.12 34.65
C ALA A 351 -14.60 5.74 35.19
N THR A 352 -15.44 4.71 34.99
CA THR A 352 -15.24 3.41 35.58
C THR A 352 -13.96 2.80 34.90
N VAL A 353 -13.90 2.87 33.58
CA VAL A 353 -12.72 2.36 32.86
C VAL A 353 -11.43 3.09 33.25
N LEU A 354 -11.47 4.42 33.29
CA LEU A 354 -10.32 5.25 33.67
C LEU A 354 -9.90 4.97 35.15
N GLY A 355 -10.83 4.49 35.97
CA GLY A 355 -10.44 4.18 37.36
C GLY A 355 -10.05 2.75 37.69
N ASP A 356 -10.00 1.88 36.68
CA ASP A 356 -9.79 0.44 36.93
C ASP A 356 -8.90 -0.14 35.85
N THR A 357 -7.63 -0.39 36.21
CA THR A 357 -6.60 -0.90 35.30
C THR A 357 -6.93 -2.32 34.83
N GLY A 358 -7.90 -2.96 35.43
CA GLY A 358 -8.37 -4.27 35.00
C GLY A 358 -8.92 -4.26 33.58
N PHE A 359 -9.47 -3.12 33.14
CA PHE A 359 -9.98 -3.11 31.79
C PHE A 359 -8.82 -3.25 30.77
N ALA A 360 -7.74 -2.47 30.98
CA ALA A 360 -6.60 -2.51 30.12
C ALA A 360 -5.98 -3.91 30.21
N ALA A 361 -5.97 -4.47 31.41
CA ALA A 361 -5.36 -5.84 31.60
C ALA A 361 -6.10 -6.89 30.79
N ALA A 362 -7.45 -6.83 30.83
CA ALA A 362 -8.31 -7.69 30.01
C ALA A 362 -8.11 -7.44 28.53
N ALA A 363 -7.93 -6.16 28.13
CA ALA A 363 -7.67 -5.91 26.71
C ALA A 363 -6.31 -6.52 26.28
N ILE A 364 -5.30 -6.49 27.17
CA ILE A 364 -4.00 -7.11 26.86
C ILE A 364 -4.16 -8.64 26.67
N LYS A 365 -5.00 -9.28 27.49
CA LYS A 365 -5.30 -10.72 27.22
C LYS A 365 -5.80 -10.99 25.79
N LEU A 366 -6.70 -10.12 25.32
CA LEU A 366 -7.21 -10.24 23.97
C LEU A 366 -6.07 -9.96 22.95
N SER A 367 -5.23 -8.99 23.29
CA SER A 367 -4.16 -8.60 22.38
C SER A 367 -3.23 -9.87 22.21
N ASP A 368 -3.07 -10.59 23.29
CA ASP A 368 -2.27 -11.85 23.23
C ASP A 368 -2.87 -12.95 22.34
N GLU A 369 -4.21 -13.02 22.24
CA GLU A 369 -4.84 -13.94 21.29
C GLU A 369 -4.50 -13.53 19.86
N ILE A 370 -4.48 -12.22 19.59
CA ILE A 370 -4.10 -11.71 18.29
C ILE A 370 -2.65 -12.06 17.97
N THR A 371 -1.76 -11.75 18.87
CA THR A 371 -0.36 -11.96 18.51
C THR A 371 0.03 -13.45 18.51
N ALA A 372 -0.84 -14.35 18.96
CA ALA A 372 -0.56 -15.82 18.82
C ALA A 372 -0.83 -16.26 17.42
N MET A 373 -1.47 -15.41 16.60
CA MET A 373 -1.89 -15.85 15.22
C MET A 373 -0.79 -15.62 14.20
N PRO A 374 -0.77 -16.39 13.11
CA PRO A 374 0.31 -16.11 12.17
C PRO A 374 0.03 -14.77 11.46
N HIS A 375 1.09 -14.06 11.14
CA HIS A 375 0.96 -12.76 10.42
C HIS A 375 0.53 -13.00 8.96
N PRO A 376 -0.04 -11.97 8.27
CA PRO A 376 -0.43 -12.14 6.87
C PRO A 376 0.70 -12.71 6.02
N ALA A 377 1.92 -12.30 6.31
CA ALA A 377 3.04 -12.86 5.50
C ALA A 377 3.09 -14.41 5.56
N ALA A 378 2.85 -14.94 6.76
CA ALA A 378 2.81 -16.37 6.95
C ALA A 378 1.65 -17.07 6.24
N LEU A 379 0.53 -16.40 6.02
CA LEU A 379 -0.56 -16.94 5.30
C LEU A 379 -0.31 -17.08 3.84
N VAL A 380 0.60 -16.29 3.24
CA VAL A 380 0.82 -16.43 1.80
C VAL A 380 1.06 -17.91 1.33
N ARG A 381 1.83 -18.67 2.08
CA ARG A 381 2.00 -20.12 1.83
C ARG A 381 0.69 -20.93 1.84
N THR A 382 -0.16 -20.69 2.83
CA THR A 382 -1.44 -21.35 2.83
C THR A 382 -2.20 -21.06 1.54
N LEU A 383 -2.13 -19.81 1.06
CA LEU A 383 -2.88 -19.44 -0.14
C LEU A 383 -2.26 -20.14 -1.35
N GLU A 384 -0.93 -20.19 -1.37
CA GLU A 384 -0.13 -20.81 -2.47
C GLU A 384 -0.61 -22.27 -2.61
N ASN A 385 -0.86 -22.92 -1.47
CA ASN A 385 -1.24 -24.37 -1.48
C ASN A 385 -2.67 -24.64 -1.90
N THR A 386 -3.50 -23.59 -1.82
CA THR A 386 -4.92 -23.61 -2.17
C THR A 386 -5.08 -23.18 -3.63
N MET B 2 10.55 -4.75 14.97
CA MET B 2 11.33 -3.61 14.50
C MET B 2 10.46 -2.37 14.30
N ARG B 3 11.07 -1.22 14.46
CA ARG B 3 10.46 0.07 14.15
C ARG B 3 11.42 0.69 13.12
N VAL B 4 10.98 0.65 11.88
CA VAL B 4 11.86 0.96 10.77
C VAL B 4 11.56 2.33 10.33
N LEU B 5 12.48 3.29 10.51
CA LEU B 5 12.30 4.62 9.93
C LEU B 5 12.91 4.69 8.56
N VAL B 6 12.12 5.09 7.58
CA VAL B 6 12.59 5.05 6.19
C VAL B 6 13.06 6.44 5.78
N VAL B 7 14.27 6.56 5.21
CA VAL B 7 14.85 7.87 4.89
C VAL B 7 15.20 7.84 3.40
N PRO B 8 14.25 8.30 2.55
CA PRO B 8 14.41 8.19 1.10
C PRO B 8 15.04 9.46 0.64
N LEU B 9 15.59 9.45 -0.56
CA LEU B 9 15.85 10.72 -1.26
C LEU B 9 14.55 11.43 -1.68
N PRO B 10 14.52 12.75 -1.79
CA PRO B 10 13.20 13.37 -2.13
C PRO B 10 12.75 13.22 -3.60
N TYR B 11 12.73 12.00 -4.12
CA TYR B 11 12.33 11.76 -5.51
C TYR B 11 11.38 10.59 -5.45
N PRO B 12 10.12 10.78 -5.90
CA PRO B 12 9.15 9.66 -5.85
C PRO B 12 9.70 8.33 -6.31
N THR B 13 10.48 8.29 -7.39
CA THR B 13 10.91 7.04 -7.94
C THR B 13 11.79 6.24 -6.96
N HIS B 14 12.60 6.92 -6.17
CA HIS B 14 13.40 6.30 -5.12
C HIS B 14 12.57 5.67 -3.99
N LEU B 15 11.50 6.36 -3.58
CA LEU B 15 10.61 5.83 -2.55
C LEU B 15 9.79 4.68 -3.13
N MET B 16 9.27 4.85 -4.34
CA MET B 16 8.53 3.72 -4.97
C MET B 16 9.34 2.44 -5.01
N ALA B 17 10.68 2.56 -5.22
CA ALA B 17 11.51 1.35 -5.23
C ALA B 17 11.50 0.59 -3.88
N MET B 18 11.21 1.29 -2.79
CA MET B 18 11.21 0.73 -1.44
C MET B 18 9.79 0.36 -1.00
N VAL B 19 8.77 0.67 -1.78
CA VAL B 19 7.38 0.45 -1.30
C VAL B 19 7.09 -1.07 -0.99
N PRO B 20 7.40 -2.00 -1.90
CA PRO B 20 7.11 -3.44 -1.56
C PRO B 20 7.82 -3.94 -0.30
N LEU B 21 9.03 -3.46 -0.05
CA LEU B 21 9.69 -3.77 1.22
C LEU B 21 8.98 -3.18 2.44
N CYS B 22 8.46 -1.93 2.35
CA CYS B 22 7.75 -1.28 3.45
C CYS B 22 6.53 -2.16 3.74
N TRP B 23 5.82 -2.55 2.69
CA TRP B 23 4.68 -3.51 2.85
C TRP B 23 5.10 -4.87 3.41
N ALA B 24 6.22 -5.45 2.94
CA ALA B 24 6.69 -6.77 3.42
C ALA B 24 6.85 -6.64 4.95
N LEU B 25 7.44 -5.53 5.41
CA LEU B 25 7.68 -5.26 6.86
C LEU B 25 6.37 -5.20 7.63
N GLN B 26 5.43 -4.41 7.13
CA GLN B 26 4.14 -4.24 7.84
C GLN B 26 3.36 -5.53 7.83
N ALA B 27 3.42 -6.27 6.74
CA ALA B 27 2.71 -7.59 6.65
C ALA B 27 3.28 -8.71 7.54
N SER B 28 4.53 -8.54 7.98
CA SER B 28 5.28 -9.40 8.88
C SER B 28 5.24 -8.92 10.33
N GLY B 29 4.44 -7.90 10.54
CA GLY B 29 4.18 -7.35 11.89
C GLY B 29 5.11 -6.30 12.45
N HIS B 30 6.02 -5.73 11.64
CA HIS B 30 6.90 -4.63 12.06
C HIS B 30 6.26 -3.28 11.76
N GLU B 31 6.76 -2.23 12.38
CA GLU B 31 6.25 -0.87 12.15
C GLU B 31 7.14 -0.06 11.24
N VAL B 32 6.52 0.79 10.43
CA VAL B 32 7.27 1.53 9.38
C VAL B 32 6.77 2.96 9.29
N LEU B 33 7.67 3.94 9.23
CA LEU B 33 7.28 5.32 9.10
C LEU B 33 8.25 5.90 8.06
N ILE B 34 7.73 6.70 7.12
CA ILE B 34 8.53 7.34 6.06
C ILE B 34 8.79 8.81 6.43
N ALA B 35 10.06 9.16 6.62
CA ALA B 35 10.42 10.55 6.80
C ALA B 35 10.27 11.21 5.41
N ALA B 36 9.26 12.08 5.23
CA ALA B 36 8.94 12.59 3.91
C ALA B 36 8.93 14.09 3.85
N PRO B 37 9.83 14.65 3.02
CA PRO B 37 9.67 16.06 2.61
C PRO B 37 8.37 16.19 1.78
N PRO B 38 7.81 17.42 1.64
CA PRO B 38 6.61 17.68 0.82
C PRO B 38 6.60 16.94 -0.51
N GLU B 39 7.74 16.89 -1.23
CA GLU B 39 7.81 16.17 -2.53
C GLU B 39 7.45 14.68 -2.47
N LEU B 40 7.57 14.05 -1.32
CA LEU B 40 7.35 12.63 -1.20
C LEU B 40 6.04 12.30 -0.52
N GLN B 41 5.36 13.27 0.07
CA GLN B 41 4.18 12.91 0.86
C GLN B 41 3.12 12.10 0.05
N ALA B 42 2.81 12.57 -1.17
CA ALA B 42 1.74 11.99 -1.97
C ALA B 42 2.11 10.59 -2.39
N THR B 43 3.40 10.38 -2.66
CA THR B 43 3.91 9.10 -3.10
C THR B 43 3.72 8.13 -1.93
N ALA B 44 4.14 8.57 -0.74
CA ALA B 44 4.12 7.74 0.48
C ALA B 44 2.64 7.38 0.81
N HIS B 45 1.79 8.40 0.92
CA HIS B 45 0.37 8.17 1.25
C HIS B 45 -0.37 7.37 0.19
N GLY B 46 -0.01 7.62 -1.09
CA GLY B 46 -0.58 6.89 -2.22
C GLY B 46 -0.27 5.39 -2.19
N ALA B 47 0.76 4.99 -1.39
CA ALA B 47 1.07 3.61 -1.27
C ALA B 47 0.46 3.05 0.02
N GLY B 48 -0.40 3.81 0.65
CA GLY B 48 -0.94 3.30 1.85
C GLY B 48 -0.03 3.41 3.08
N LEU B 49 1.01 4.23 3.00
CA LEU B 49 1.99 4.32 4.09
C LEU B 49 1.85 5.57 4.93
N THR B 50 2.51 5.63 6.08
CA THR B 50 2.35 6.77 7.00
C THR B 50 3.66 7.53 7.05
N THR B 51 3.56 8.80 7.32
CA THR B 51 4.74 9.64 7.18
C THR B 51 4.94 10.47 8.42
N ALA B 52 6.17 10.95 8.57
CA ALA B 52 6.54 12.06 9.49
C ALA B 52 6.97 13.19 8.53
N GLY B 53 6.35 14.34 8.64
CA GLY B 53 6.74 15.48 7.80
C GLY B 53 8.14 15.98 8.05
N ILE B 54 8.85 16.23 6.96
CA ILE B 54 10.18 16.87 7.01
C ILE B 54 10.04 18.14 6.22
N ARG B 55 10.67 19.24 6.67
CA ARG B 55 10.42 20.55 5.97
C ARG B 55 10.98 20.61 4.56
N GLY B 56 12.11 19.98 4.37
CA GLY B 56 12.87 20.21 3.15
C GLY B 56 13.25 21.69 3.04
N LEU B 69 18.47 22.51 -21.55
CA LEU B 69 19.50 22.14 -22.52
C LEU B 69 20.64 21.30 -21.88
N ARG B 70 20.66 21.26 -20.57
CA ARG B 70 21.59 20.44 -19.89
C ARG B 70 21.33 18.95 -20.24
N PHE B 71 20.16 18.56 -20.81
CA PHE B 71 19.85 17.11 -21.01
C PHE B 71 19.64 16.78 -22.47
N PRO B 72 20.09 15.59 -22.94
CA PRO B 72 20.77 14.57 -22.09
C PRO B 72 22.17 15.03 -21.73
N ASN B 73 22.66 14.57 -20.57
CA ASN B 73 24.06 14.79 -20.19
C ASN B 73 24.88 13.52 -19.97
N PRO B 74 25.53 13.04 -21.02
CA PRO B 74 26.25 11.71 -21.02
C PRO B 74 27.38 11.77 -20.00
N ALA B 75 27.79 12.94 -19.49
CA ALA B 75 28.88 12.95 -18.53
C ALA B 75 28.45 12.21 -17.28
N PHE B 76 27.14 12.14 -16.99
CA PHE B 76 26.75 11.32 -15.81
C PHE B 76 27.16 9.84 -15.92
N GLY B 77 27.26 9.34 -17.15
CA GLY B 77 27.63 7.93 -17.39
C GLY B 77 29.12 7.83 -17.66
N GLN B 78 29.89 8.86 -17.27
CA GLN B 78 31.35 8.95 -17.57
C GLN B 78 32.16 9.46 -16.40
N ARG B 79 32.23 8.67 -15.34
CA ARG B 79 32.79 9.21 -14.09
C ARG B 79 34.30 9.34 -14.17
N ASP B 80 34.84 8.83 -15.25
CA ASP B 80 36.29 9.00 -15.43
C ASP B 80 36.64 10.31 -16.08
N THR B 81 35.64 11.10 -16.58
CA THR B 81 35.94 12.36 -17.24
C THR B 81 35.90 13.47 -16.22
N GLU B 82 36.42 14.64 -16.59
CA GLU B 82 36.39 15.77 -15.65
C GLU B 82 34.95 16.15 -15.34
N ALA B 83 34.14 16.27 -16.40
CA ALA B 83 32.70 16.60 -16.19
C ALA B 83 31.94 15.54 -15.38
N GLY B 84 32.16 14.25 -15.67
CA GLY B 84 31.48 13.16 -14.91
C GLY B 84 31.79 13.20 -13.43
N ARG B 85 33.07 13.39 -13.13
CA ARG B 85 33.46 13.43 -11.73
C ARG B 85 32.82 14.66 -11.06
N GLN B 86 32.86 15.79 -11.73
CA GLN B 86 32.23 17.01 -11.17
C GLN B 86 30.73 16.81 -10.88
N LEU B 87 29.99 16.20 -11.80
CA LEU B 87 28.52 16.06 -11.60
C LEU B 87 28.20 15.22 -10.40
N TRP B 88 28.90 14.11 -10.20
CA TRP B 88 28.63 13.24 -9.07
C TRP B 88 29.17 13.83 -7.74
N GLU B 89 30.28 14.55 -7.81
CA GLU B 89 30.74 15.29 -6.61
C GLU B 89 29.74 16.36 -6.18
N GLN B 90 29.22 17.11 -7.14
CA GLN B 90 28.26 18.16 -6.88
C GLN B 90 26.94 17.59 -6.28
N THR B 91 26.49 16.44 -6.79
CA THR B 91 25.33 15.72 -6.28
C THR B 91 25.60 15.37 -4.82
N ALA B 92 26.81 14.88 -4.52
CA ALA B 92 27.16 14.55 -3.13
C ALA B 92 27.17 15.84 -2.29
N SER B 93 27.82 16.88 -2.81
CA SER B 93 27.88 18.16 -2.08
C SER B 93 26.46 18.68 -1.69
N ASN B 94 25.54 18.61 -2.65
CA ASN B 94 24.14 19.07 -2.43
C ASN B 94 23.50 18.25 -1.30
N VAL B 95 23.59 16.93 -1.38
CA VAL B 95 22.91 16.12 -0.41
C VAL B 95 23.60 16.24 0.96
N ALA B 96 24.94 16.40 0.95
CA ALA B 96 25.68 16.58 2.22
C ALA B 96 25.27 17.87 2.96
N GLN B 97 25.13 18.95 2.21
CA GLN B 97 24.77 20.28 2.75
C GLN B 97 23.34 20.20 3.28
N SER B 98 22.43 19.66 2.47
CA SER B 98 21.07 19.56 3.01
C SER B 98 20.94 18.57 4.19
N SER B 99 21.74 17.50 4.20
CA SER B 99 21.78 16.65 5.36
C SER B 99 22.16 17.40 6.65
N LEU B 100 23.20 18.23 6.59
CA LEU B 100 23.57 19.03 7.77
C LEU B 100 22.44 19.98 8.16
N ASP B 101 21.82 20.60 7.16
CA ASP B 101 20.84 21.67 7.39
C ASP B 101 19.66 21.11 8.16
N GLN B 102 19.32 19.85 7.87
CA GLN B 102 18.11 19.28 8.36
C GLN B 102 18.36 18.21 9.42
N LEU B 103 19.60 18.01 9.83
CA LEU B 103 19.86 16.99 10.87
C LEU B 103 19.09 17.25 12.21
N PRO B 104 18.96 18.56 12.63
CA PRO B 104 18.16 18.83 13.84
C PRO B 104 16.73 18.29 13.76
N GLU B 105 16.09 18.45 12.60
CA GLU B 105 14.74 17.88 12.39
C GLU B 105 14.67 16.35 12.50
N TYR B 106 15.63 15.64 11.88
CA TYR B 106 15.63 14.21 11.96
C TYR B 106 15.99 13.71 13.38
N LEU B 107 16.89 14.41 14.08
CA LEU B 107 17.17 14.03 15.45
C LEU B 107 15.91 14.14 16.33
N ARG B 108 15.13 15.20 16.17
CA ARG B 108 13.81 15.33 16.89
C ARG B 108 12.82 14.19 16.60
N LEU B 109 12.71 13.89 15.31
CA LEU B 109 11.95 12.73 14.88
C LEU B 109 12.38 11.44 15.51
N ALA B 110 13.66 11.12 15.49
CA ALA B 110 14.09 9.86 16.02
C ALA B 110 13.83 9.76 17.55
N GLU B 111 13.91 10.90 18.20
CA GLU B 111 13.61 10.97 19.64
C GLU B 111 12.10 10.70 19.91
N ALA B 112 11.26 11.16 19.01
CA ALA B 112 9.84 11.01 19.17
C ALA B 112 9.42 9.58 18.90
N TRP B 113 9.94 9.02 17.80
CA TRP B 113 9.47 7.74 17.32
C TRP B 113 10.30 6.53 17.75
N ARG B 114 11.59 6.71 18.02
CA ARG B 114 12.45 5.67 18.51
C ARG B 114 12.51 4.51 17.57
N PRO B 115 13.02 4.74 16.35
CA PRO B 115 13.32 3.60 15.45
C PRO B 115 14.37 2.65 15.96
N SER B 116 14.21 1.39 15.63
CA SER B 116 15.29 0.46 15.92
C SER B 116 16.23 0.27 14.77
N VAL B 117 15.80 0.67 13.57
CA VAL B 117 16.62 0.48 12.37
C VAL B 117 16.26 1.56 11.35
N LEU B 118 17.25 1.95 10.54
CA LEU B 118 17.07 2.93 9.50
C LEU B 118 17.28 2.22 8.06
N LEU B 119 16.19 2.47 7.26
CA LEU B 119 16.19 1.95 5.93
C LEU B 119 16.36 3.16 5.06
N VAL B 120 17.54 3.26 4.42
CA VAL B 120 18.00 4.55 3.89
C VAL B 120 18.39 4.45 2.41
N ASP B 121 17.88 5.34 1.57
CA ASP B 121 18.28 5.33 0.17
C ASP B 121 19.82 5.51 0.11
N VAL B 122 20.53 4.78 -0.76
CA VAL B 122 22.00 4.93 -0.89
C VAL B 122 22.45 6.35 -1.02
N CYS B 123 21.68 7.19 -1.71
CA CYS B 123 22.01 8.62 -1.82
C CYS B 123 21.56 9.57 -0.72
N ALA B 124 20.72 9.13 0.21
CA ALA B 124 20.20 10.00 1.30
C ALA B 124 21.19 9.95 2.47
N LEU B 125 22.22 10.78 2.36
CA LEU B 125 23.36 10.69 3.30
C LEU B 125 22.92 11.03 4.74
N ILE B 126 21.88 11.85 4.89
CA ILE B 126 21.36 12.20 6.22
C ILE B 126 21.11 10.91 6.99
N GLY B 127 20.65 9.86 6.31
CA GLY B 127 20.36 8.61 6.99
C GLY B 127 21.63 7.95 7.57
N ARG B 128 22.74 8.06 6.85
CA ARG B 128 23.99 7.49 7.38
C ARG B 128 24.51 8.27 8.55
N VAL B 129 24.44 9.61 8.46
CA VAL B 129 24.82 10.51 9.60
C VAL B 129 23.97 10.16 10.82
N LEU B 130 22.65 10.11 10.63
CA LEU B 130 21.71 9.90 11.72
C LEU B 130 22.00 8.55 12.42
N GLY B 131 22.30 7.53 11.60
CA GLY B 131 22.66 6.20 12.07
C GLY B 131 23.88 6.25 12.98
N GLY B 132 24.87 6.99 12.54
CA GLY B 132 26.14 7.11 13.29
C GLY B 132 25.92 7.80 14.63
N LEU B 133 25.19 8.90 14.59
CA LEU B 133 25.00 9.77 15.75
C LEU B 133 24.08 9.14 16.75
N LEU B 134 23.24 8.20 16.29
CA LEU B 134 22.29 7.49 17.17
C LEU B 134 22.64 6.09 17.49
N ASP B 135 23.73 5.62 16.91
CA ASP B 135 24.14 4.26 17.06
C ASP B 135 23.02 3.30 16.68
N LEU B 136 22.39 3.58 15.53
CA LEU B 136 21.33 2.75 14.99
C LEU B 136 21.88 2.04 13.76
N PRO B 137 21.53 0.77 13.57
CA PRO B 137 21.89 0.07 12.33
C PRO B 137 21.21 0.70 11.09
N VAL B 138 21.95 0.70 9.97
CA VAL B 138 21.48 1.37 8.78
C VAL B 138 21.52 0.34 7.69
N VAL B 139 20.37 0.10 7.03
CA VAL B 139 20.28 -0.78 5.90
C VAL B 139 20.15 0.20 4.71
N LEU B 140 21.17 0.29 3.86
CA LEU B 140 21.03 1.09 2.67
C LEU B 140 20.20 0.30 1.64
N HIS B 141 19.51 1.07 0.83
CA HIS B 141 18.70 0.49 -0.26
C HIS B 141 19.01 1.15 -1.61
N ARG B 142 19.55 0.38 -2.56
CA ARG B 142 19.74 0.82 -3.94
C ARG B 142 18.36 0.88 -4.65
N TRP B 143 18.16 1.95 -5.41
CA TRP B 143 16.93 2.00 -6.21
C TRP B 143 17.08 1.19 -7.52
N GLY B 144 18.31 0.82 -7.88
CA GLY B 144 18.57 0.21 -9.15
C GLY B 144 20.07 0.27 -9.44
N VAL B 145 20.45 0.68 -10.65
CA VAL B 145 21.89 0.81 -10.97
C VAL B 145 22.46 1.86 -10.03
N ASP B 146 23.61 1.59 -9.43
CA ASP B 146 24.22 2.45 -8.43
C ASP B 146 25.67 2.89 -8.89
N PRO B 147 25.76 4.15 -9.38
CA PRO B 147 27.06 4.65 -9.83
C PRO B 147 27.73 5.57 -8.80
N THR B 148 27.44 5.36 -7.51
CA THR B 148 27.95 6.26 -6.53
C THR B 148 29.34 6.00 -6.05
N ALA B 149 29.91 4.83 -6.37
CA ALA B 149 31.35 4.60 -6.06
C ALA B 149 32.23 5.71 -6.63
N GLY B 150 33.42 5.97 -6.04
CA GLY B 150 34.25 6.95 -6.69
C GLY B 150 33.80 8.37 -6.31
N PRO B 151 33.52 9.25 -7.29
CA PRO B 151 33.20 10.68 -7.08
C PRO B 151 32.18 10.93 -5.94
N PHE B 152 30.98 10.37 -6.06
CA PHE B 152 29.96 10.60 -5.06
C PHE B 152 30.38 10.15 -3.66
N SER B 153 30.82 8.92 -3.57
CA SER B 153 31.13 8.37 -2.23
C SER B 153 32.34 9.04 -1.57
N ASP B 154 33.37 9.32 -2.39
CA ASP B 154 34.57 10.07 -1.92
C ASP B 154 34.18 11.43 -1.39
N ARG B 155 33.29 12.12 -2.10
CA ARG B 155 32.94 13.48 -1.73
C ARG B 155 32.09 13.51 -0.49
N ALA B 156 31.18 12.55 -0.40
CA ALA B 156 30.35 12.29 0.84
C ALA B 156 31.23 12.13 2.06
N HIS B 157 32.29 11.34 1.93
CA HIS B 157 33.21 11.18 3.06
C HIS B 157 33.97 12.46 3.27
N GLU B 158 34.46 13.07 2.19
CA GLU B 158 35.26 14.29 2.40
C GLU B 158 34.46 15.36 3.18
N LEU B 159 33.14 15.43 2.94
CA LEU B 159 32.33 16.47 3.50
C LEU B 159 31.73 16.10 4.84
N LEU B 160 31.33 14.83 5.00
CA LEU B 160 30.63 14.33 6.26
C LEU B 160 31.52 13.60 7.28
N ASP B 161 32.73 13.16 6.89
CA ASP B 161 33.59 12.48 7.86
C ASP B 161 33.87 13.46 9.05
N PRO B 162 34.15 14.74 8.75
CA PRO B 162 34.51 15.68 9.85
C PRO B 162 33.46 15.80 10.91
N VAL B 163 32.27 16.03 10.43
CA VAL B 163 31.08 16.09 11.20
C VAL B 163 30.89 14.83 12.09
N CYS B 164 31.04 13.63 11.52
CA CYS B 164 30.93 12.45 12.37
C CYS B 164 32.09 12.35 13.38
N ARG B 165 33.28 12.77 12.95
CA ARG B 165 34.44 12.65 13.87
C ARG B 165 34.21 13.64 15.02
N HIS B 166 33.59 14.78 14.76
CA HIS B 166 33.28 15.69 15.89
C HIS B 166 32.41 14.99 16.92
N HIS B 167 31.58 14.02 16.47
CA HIS B 167 30.67 13.35 17.40
C HIS B 167 31.33 12.15 18.03
N GLY B 168 32.60 11.95 17.73
CA GLY B 168 33.34 10.86 18.30
C GLY B 168 33.46 9.63 17.42
N LEU B 169 32.91 9.67 16.18
CA LEU B 169 33.02 8.52 15.28
C LEU B 169 34.32 8.56 14.49
N THR B 170 34.67 7.45 13.81
CA THR B 170 35.89 7.42 12.98
C THR B 170 35.64 8.21 11.73
N GLY B 171 34.36 8.35 11.36
CA GLY B 171 33.94 9.08 10.15
C GLY B 171 32.53 8.61 9.78
N LEU B 172 32.06 8.95 8.60
CA LEU B 172 30.71 8.52 8.13
C LEU B 172 30.69 7.04 8.09
N PRO B 173 29.75 6.40 8.82
CA PRO B 173 30.00 4.96 8.99
C PRO B 173 29.60 4.16 7.74
N THR B 174 30.20 2.99 7.66
CA THR B 174 29.82 1.92 6.77
C THR B 174 28.48 1.35 7.18
N PRO B 175 27.58 1.16 6.22
CA PRO B 175 26.27 0.65 6.57
C PRO B 175 26.32 -0.82 6.93
N GLU B 176 25.37 -1.21 7.77
CA GLU B 176 25.13 -2.60 8.09
C GLU B 176 24.93 -3.56 6.90
N LEU B 177 24.23 -3.10 5.87
CA LEU B 177 23.79 -3.97 4.78
C LEU B 177 23.38 -3.01 3.63
N ILE B 178 23.58 -3.47 2.39
CA ILE B 178 23.09 -2.78 1.21
C ILE B 178 22.17 -3.70 0.44
N LEU B 179 20.90 -3.33 0.39
CA LEU B 179 19.94 -4.07 -0.44
C LEU B 179 20.03 -3.64 -1.84
N ASP B 180 19.97 -4.61 -2.75
CA ASP B 180 20.19 -4.33 -4.18
C ASP B 180 19.17 -5.04 -5.07
N PRO B 181 18.20 -4.28 -5.66
CA PRO B 181 17.21 -4.85 -6.55
C PRO B 181 17.67 -4.93 -7.99
N CYS B 182 18.88 -4.48 -8.28
CA CYS B 182 19.34 -4.50 -9.67
C CYS B 182 19.86 -5.88 -10.05
N PRO B 183 19.33 -6.46 -11.12
CA PRO B 183 19.89 -7.76 -11.52
C PRO B 183 21.40 -7.57 -11.77
N PRO B 184 22.24 -8.50 -11.32
CA PRO B 184 23.71 -8.32 -11.38
C PRO B 184 24.21 -7.95 -12.76
N SER B 185 23.58 -8.51 -13.78
CA SER B 185 23.94 -8.20 -15.17
C SER B 185 23.81 -6.74 -15.60
N LEU B 186 23.02 -5.99 -14.84
CA LEU B 186 22.81 -4.58 -15.15
C LEU B 186 23.53 -3.65 -14.17
N GLN B 187 24.19 -4.18 -13.16
CA GLN B 187 24.71 -3.35 -12.06
C GLN B 187 26.05 -2.72 -12.46
N ALA B 188 26.35 -1.51 -11.99
CA ALA B 188 27.67 -0.94 -12.23
C ALA B 188 28.82 -1.81 -11.70
N SER B 189 29.89 -1.93 -12.48
CA SER B 189 30.95 -2.93 -12.15
C SER B 189 31.63 -2.57 -10.85
N ASP B 190 31.62 -1.28 -10.46
CA ASP B 190 32.22 -0.85 -9.23
C ASP B 190 31.34 -0.72 -7.97
N ALA B 191 30.08 -1.16 -8.06
CA ALA B 191 29.21 -1.07 -6.92
C ALA B 191 29.60 -2.29 -6.06
N PRO B 192 29.90 -2.05 -4.76
CA PRO B 192 30.18 -3.12 -3.80
C PRO B 192 29.02 -4.04 -3.68
N GLN B 193 29.35 -5.28 -3.34
CA GLN B 193 28.40 -6.33 -3.31
C GLN B 193 27.33 -6.09 -2.27
N GLY B 194 26.07 -6.11 -2.70
CA GLY B 194 24.99 -6.04 -1.75
C GLY B 194 24.21 -7.33 -1.61
N ALA B 195 23.07 -7.23 -0.96
CA ALA B 195 22.19 -8.33 -0.70
C ALA B 195 21.07 -8.27 -1.70
N PRO B 196 20.97 -9.27 -2.60
CA PRO B 196 19.92 -9.22 -3.64
C PRO B 196 18.52 -9.26 -3.06
N VAL B 197 17.67 -8.42 -3.65
CA VAL B 197 16.22 -8.46 -3.36
C VAL B 197 15.46 -8.33 -4.69
N GLN B 198 14.48 -9.20 -4.89
CA GLN B 198 13.74 -9.19 -6.13
C GLN B 198 12.92 -7.87 -6.30
N TYR B 199 13.10 -7.24 -7.47
CA TYR B 199 12.25 -6.09 -7.85
C TYR B 199 10.80 -6.53 -8.02
N VAL B 200 9.91 -5.86 -7.29
CA VAL B 200 8.50 -6.08 -7.44
C VAL B 200 7.94 -4.80 -8.09
N PRO B 201 7.21 -4.97 -9.22
CA PRO B 201 6.88 -3.66 -9.79
C PRO B 201 5.87 -2.88 -8.89
N TYR B 202 6.21 -1.68 -8.56
CA TYR B 202 5.19 -0.80 -7.96
C TYR B 202 5.25 0.45 -8.77
N ASN B 203 4.16 0.72 -9.48
CA ASN B 203 4.05 1.86 -10.34
C ASN B 203 2.87 2.73 -9.87
N GLY B 204 2.50 2.66 -8.58
CA GLY B 204 1.32 3.46 -8.09
C GLY B 204 0.01 2.68 -8.21
N SER B 205 -1.10 3.29 -7.77
CA SER B 205 -2.39 2.72 -7.90
C SER B 205 -3.02 3.11 -9.21
N GLY B 206 -4.10 2.42 -9.54
CA GLY B 206 -4.88 2.78 -10.70
C GLY B 206 -5.64 1.58 -11.17
N ALA B 207 -6.25 1.71 -12.34
CA ALA B 207 -7.24 0.73 -12.78
C ALA B 207 -6.74 -0.05 -13.99
N PHE B 208 -7.06 -1.33 -14.00
CA PHE B 208 -6.74 -2.27 -15.08
C PHE B 208 -7.53 -1.81 -16.31
N PRO B 209 -6.83 -1.48 -17.41
CA PRO B 209 -7.52 -1.13 -18.68
C PRO B 209 -8.10 -2.34 -19.36
N ALA B 210 -9.30 -2.21 -19.92
CA ALA B 210 -9.91 -3.42 -20.53
C ALA B 210 -9.03 -3.94 -21.67
N TRP B 211 -8.42 -3.04 -22.40
CA TRP B 211 -7.49 -3.41 -23.49
C TRP B 211 -6.17 -4.08 -22.99
N GLY B 212 -5.90 -4.01 -21.68
CA GLY B 212 -4.57 -4.34 -21.21
C GLY B 212 -4.36 -5.86 -21.04
N ALA B 213 -5.43 -6.61 -21.25
CA ALA B 213 -5.51 -8.03 -21.08
C ALA B 213 -5.03 -8.80 -22.31
N ALA B 214 -5.21 -8.26 -23.50
CA ALA B 214 -4.94 -9.11 -24.67
C ALA B 214 -4.00 -8.43 -25.59
N ARG B 215 -3.19 -9.23 -26.25
CA ARG B 215 -2.40 -8.73 -27.33
C ARG B 215 -3.30 -8.38 -28.53
N THR B 216 -2.73 -7.58 -29.42
CA THR B 216 -3.37 -7.17 -30.63
C THR B 216 -2.57 -7.74 -31.86
N SER B 217 -3.18 -7.71 -33.06
CA SER B 217 -2.36 -8.02 -34.25
C SER B 217 -1.36 -6.91 -34.57
N ALA B 218 -1.65 -5.67 -34.13
CA ALA B 218 -0.65 -4.60 -34.28
C ALA B 218 0.56 -4.80 -33.40
N ARG B 219 1.62 -4.00 -33.62
CA ARG B 219 2.87 -4.12 -32.88
C ARG B 219 2.82 -3.07 -31.74
N ARG B 220 2.52 -3.50 -30.53
CA ARG B 220 2.25 -2.53 -29.45
C ARG B 220 3.52 -1.99 -28.81
N VAL B 221 3.70 -0.65 -28.84
CA VAL B 221 4.99 -0.05 -28.43
C VAL B 221 4.58 0.91 -27.36
N CYS B 222 5.05 0.71 -26.12
CA CYS B 222 4.69 1.69 -25.08
C CYS B 222 5.77 2.78 -24.93
N ILE B 223 5.36 4.05 -24.77
CA ILE B 223 6.26 5.11 -24.42
C ILE B 223 5.88 5.54 -23.05
N CYS B 224 6.83 5.51 -22.13
CA CYS B 224 6.56 5.84 -20.76
C CYS B 224 7.70 6.71 -20.27
N MET B 225 7.51 8.02 -20.24
CA MET B 225 8.67 8.90 -19.92
C MET B 225 8.73 9.26 -18.41
N GLY B 226 7.65 9.70 -17.76
CA GLY B 226 7.82 10.09 -16.33
C GLY B 226 7.81 11.61 -15.98
N ARG B 227 7.14 12.01 -14.91
CA ARG B 227 7.02 13.42 -14.53
C ARG B 227 8.39 14.02 -14.24
N MET B 228 9.20 13.29 -13.48
CA MET B 228 10.42 13.90 -13.09
C MET B 228 11.35 14.07 -14.29
N VAL B 229 11.36 13.12 -15.23
CA VAL B 229 12.25 13.23 -16.42
C VAL B 229 11.83 14.39 -17.25
N LEU B 230 10.55 14.40 -17.60
CA LEU B 230 10.05 15.46 -18.48
C LEU B 230 10.09 16.89 -17.89
N ASN B 231 9.85 17.07 -16.58
CA ASN B 231 10.12 18.36 -15.96
C ASN B 231 11.56 18.83 -16.12
N ALA B 232 12.51 17.89 -16.10
CA ALA B 232 13.93 18.22 -16.25
C ALA B 232 14.27 18.58 -17.69
N THR B 233 13.72 17.77 -18.61
CA THR B 233 14.15 17.76 -20.00
C THR B 233 13.31 18.72 -20.89
N GLY B 234 12.04 18.91 -20.51
CA GLY B 234 11.09 19.44 -21.51
C GLY B 234 10.52 18.33 -22.36
N PRO B 235 9.68 18.69 -23.32
CA PRO B 235 8.90 17.62 -23.96
C PRO B 235 9.65 16.81 -25.02
N ALA B 236 10.83 17.28 -25.47
CA ALA B 236 11.55 16.59 -26.58
C ALA B 236 11.66 15.03 -26.54
N PRO B 237 12.07 14.42 -25.39
CA PRO B 237 12.20 12.94 -25.48
C PRO B 237 10.87 12.26 -25.75
N LEU B 238 9.78 12.83 -25.18
CA LEU B 238 8.46 12.29 -25.39
C LEU B 238 8.05 12.46 -26.84
N LEU B 239 8.17 13.70 -27.32
CA LEU B 239 7.68 14.00 -28.66
C LEU B 239 8.50 13.29 -29.78
N ARG B 240 9.80 13.12 -29.57
CA ARG B 240 10.69 12.41 -30.52
C ARG B 240 10.33 10.94 -30.46
N ALA B 241 9.93 10.44 -29.27
CA ALA B 241 9.55 9.04 -29.17
C ALA B 241 8.22 8.83 -29.91
N VAL B 242 7.26 9.74 -29.74
CA VAL B 242 5.97 9.59 -30.43
C VAL B 242 6.20 9.64 -31.94
N ALA B 243 7.09 10.53 -32.38
CA ALA B 243 7.33 10.64 -33.82
C ALA B 243 7.97 9.35 -34.39
N ALA B 244 8.88 8.77 -33.64
CA ALA B 244 9.53 7.49 -34.05
C ALA B 244 8.57 6.30 -34.07
N ALA B 245 7.77 6.21 -33.04
CA ALA B 245 6.88 5.03 -32.88
C ALA B 245 5.74 5.06 -33.91
N THR B 246 5.16 6.23 -34.13
CA THR B 246 3.94 6.31 -34.95
C THR B 246 4.28 6.20 -36.47
N GLU B 247 5.54 6.29 -36.82
CA GLU B 247 5.85 6.33 -38.23
C GLU B 247 5.82 4.92 -38.82
N LEU B 248 6.15 3.93 -38.01
CA LEU B 248 6.35 2.59 -38.58
C LEU B 248 5.03 1.89 -38.82
N PRO B 249 4.91 1.23 -40.00
CA PRO B 249 3.67 0.54 -40.33
C PRO B 249 3.23 -0.51 -39.31
N GLY B 250 1.96 -0.55 -38.99
CA GLY B 250 1.51 -1.65 -38.12
C GLY B 250 1.74 -1.39 -36.64
N VAL B 251 2.33 -0.25 -36.27
CA VAL B 251 2.62 -0.05 -34.81
C VAL B 251 1.41 0.59 -34.14
N GLU B 252 1.14 0.23 -32.88
CA GLU B 252 0.08 0.84 -32.05
C GLU B 252 0.85 1.48 -30.90
N ALA B 253 0.87 2.83 -30.80
CA ALA B 253 1.63 3.51 -29.69
C ALA B 253 0.75 3.57 -28.46
N VAL B 254 1.27 3.12 -27.32
CA VAL B 254 0.54 3.26 -26.03
C VAL B 254 1.36 4.26 -25.23
N ILE B 255 0.80 5.46 -25.05
CA ILE B 255 1.58 6.60 -24.51
C ILE B 255 1.15 6.78 -23.05
N ALA B 256 2.10 6.45 -22.17
CA ALA B 256 1.90 6.48 -20.73
C ALA B 256 2.53 7.77 -20.14
N VAL B 257 1.64 8.65 -19.69
CA VAL B 257 1.94 10.03 -19.34
C VAL B 257 1.29 10.47 -18.04
N PRO B 258 1.98 11.36 -17.27
CA PRO B 258 1.32 12.18 -16.21
C PRO B 258 0.13 12.96 -16.84
N PRO B 259 -0.98 13.17 -16.10
CA PRO B 259 -2.10 13.95 -16.61
C PRO B 259 -1.68 15.27 -17.26
N GLU B 260 -0.72 15.97 -16.67
CA GLU B 260 -0.31 17.26 -17.19
C GLU B 260 0.43 17.17 -18.53
N HIS B 261 0.84 15.96 -18.96
CA HIS B 261 1.58 15.85 -20.23
C HIS B 261 0.66 15.41 -21.37
N ARG B 262 -0.60 15.11 -21.03
CA ARG B 262 -1.57 14.70 -22.02
C ARG B 262 -1.74 15.75 -23.10
N ALA B 263 -1.73 17.04 -22.71
CA ALA B 263 -1.91 18.13 -23.70
C ALA B 263 -0.75 18.32 -24.68
N LEU B 264 0.43 17.78 -24.38
CA LEU B 264 1.54 17.87 -25.33
C LEU B 264 1.26 16.98 -26.56
N LEU B 265 0.18 16.19 -26.47
CA LEU B 265 -0.10 15.17 -27.48
C LEU B 265 -1.16 15.59 -28.45
N THR B 266 -0.71 16.34 -29.45
CA THR B 266 -1.61 17.11 -30.30
C THR B 266 -2.32 16.37 -31.46
N ASP B 267 -1.73 15.30 -31.96
CA ASP B 267 -2.09 14.76 -33.26
C ASP B 267 -1.56 13.34 -33.31
N LEU B 268 -2.43 12.39 -33.01
CA LEU B 268 -1.97 11.04 -32.87
C LEU B 268 -2.76 10.31 -33.88
N PRO B 269 -2.21 9.21 -34.43
CA PRO B 269 -2.94 8.25 -35.27
C PRO B 269 -4.11 7.72 -34.48
N ASP B 270 -5.11 7.21 -35.20
CA ASP B 270 -6.39 6.81 -34.61
C ASP B 270 -6.34 5.68 -33.62
N ASN B 271 -5.33 4.83 -33.80
CA ASN B 271 -5.25 3.64 -32.99
C ASN B 271 -4.32 3.82 -31.80
N ALA B 272 -3.75 5.05 -31.66
CA ALA B 272 -2.85 5.31 -30.55
C ALA B 272 -3.68 5.38 -29.30
N ARG B 273 -3.09 4.97 -28.18
CA ARG B 273 -3.86 4.96 -26.92
C ARG B 273 -3.07 5.88 -25.94
N ILE B 274 -3.76 6.83 -25.34
CA ILE B 274 -3.15 7.54 -24.22
C ILE B 274 -3.54 6.77 -22.97
N ALA B 275 -2.57 6.36 -22.15
CA ALA B 275 -2.84 5.63 -20.90
C ALA B 275 -2.43 6.60 -19.80
N GLU B 276 -3.38 7.34 -19.28
CA GLU B 276 -3.07 8.33 -18.22
C GLU B 276 -3.19 7.73 -16.80
N SER B 277 -2.13 7.84 -15.98
CA SER B 277 -2.13 7.24 -14.62
C SER B 277 -2.65 5.81 -14.58
N VAL B 278 -2.17 4.96 -15.51
CA VAL B 278 -2.43 3.50 -15.48
C VAL B 278 -1.10 2.83 -15.17
N PRO B 279 -1.00 2.19 -14.00
CA PRO B 279 0.25 1.55 -13.64
C PRO B 279 0.73 0.65 -14.80
N LEU B 280 1.98 0.86 -15.21
CA LEU B 280 2.54 0.18 -16.37
C LEU B 280 2.37 -1.30 -16.30
N ASN B 281 2.59 -1.86 -15.13
CA ASN B 281 2.55 -3.31 -15.01
C ASN B 281 1.18 -3.95 -15.35
N LEU B 282 0.10 -3.15 -15.34
CA LEU B 282 -1.22 -3.70 -15.63
C LEU B 282 -1.40 -4.03 -17.10
N PHE B 283 -0.55 -3.48 -17.96
CA PHE B 283 -0.74 -3.73 -19.40
C PHE B 283 0.55 -4.06 -20.18
N LEU B 284 1.70 -3.92 -19.56
CA LEU B 284 2.94 -3.98 -20.33
C LEU B 284 3.25 -5.36 -20.90
N ARG B 285 2.73 -6.44 -20.31
CA ARG B 285 2.98 -7.74 -20.94
C ARG B 285 2.43 -7.84 -22.37
N THR B 286 1.47 -6.97 -22.74
CA THR B 286 0.93 -6.98 -24.11
C THR B 286 1.73 -6.13 -25.09
N CYS B 287 2.87 -5.55 -24.63
CA CYS B 287 3.69 -4.66 -25.48
C CYS B 287 4.94 -5.35 -25.92
N GLU B 288 5.45 -5.04 -27.08
CA GLU B 288 6.73 -5.60 -27.58
C GLU B 288 7.94 -4.78 -27.33
N LEU B 289 7.74 -3.50 -26.92
CA LEU B 289 8.86 -2.58 -26.68
C LEU B 289 8.35 -1.48 -25.77
N VAL B 290 9.24 -1.05 -24.87
CA VAL B 290 9.06 0.09 -23.98
C VAL B 290 10.11 1.13 -24.39
N ILE B 291 9.67 2.35 -24.65
CA ILE B 291 10.61 3.46 -24.95
C ILE B 291 10.58 4.36 -23.68
N CYS B 292 11.72 4.54 -23.11
CA CYS B 292 11.84 5.18 -21.78
C CYS B 292 13.20 5.83 -21.58
N ALA B 293 13.39 6.50 -20.45
CA ALA B 293 14.65 7.24 -20.26
C ALA B 293 15.61 6.42 -19.41
N GLY B 294 15.10 5.30 -18.83
CA GLY B 294 16.04 4.39 -18.20
C GLY B 294 16.08 4.39 -16.68
N GLY B 295 16.43 3.25 -16.11
CA GLY B 295 16.75 3.17 -14.66
C GLY B 295 15.68 3.22 -13.55
N SER B 296 14.44 3.68 -13.81
CA SER B 296 13.48 3.89 -12.82
C SER B 296 12.55 2.63 -12.74
N GLY B 297 11.45 2.78 -12.06
CA GLY B 297 10.46 1.76 -12.06
C GLY B 297 9.97 1.35 -13.40
N THR B 298 9.93 2.28 -14.34
CA THR B 298 9.51 1.91 -15.68
C THR B 298 10.39 0.83 -16.28
N ALA B 299 11.68 1.09 -16.22
CA ALA B 299 12.61 0.18 -16.89
C ALA B 299 12.67 -1.13 -16.17
N PHE B 300 12.66 -1.10 -14.83
CA PHE B 300 12.79 -2.40 -14.10
C PHE B 300 11.48 -3.19 -14.24
N THR B 301 10.31 -2.48 -14.42
CA THR B 301 9.08 -3.23 -14.59
C THR B 301 9.10 -3.90 -15.99
N ALA B 302 9.61 -3.16 -16.98
CA ALA B 302 9.73 -3.73 -18.32
C ALA B 302 10.69 -4.97 -18.24
N THR B 303 11.84 -4.81 -17.60
CA THR B 303 12.81 -5.95 -17.47
C THR B 303 12.19 -7.16 -16.68
N ARG B 304 11.47 -6.87 -15.57
CA ARG B 304 10.71 -7.88 -14.82
C ARG B 304 9.74 -8.62 -15.67
N LEU B 305 9.14 -7.92 -16.61
CA LEU B 305 8.08 -8.51 -17.43
C LEU B 305 8.61 -9.06 -18.77
N GLY B 306 9.93 -9.00 -18.97
CA GLY B 306 10.67 -9.60 -20.10
C GLY B 306 10.45 -8.77 -21.37
N ILE B 307 10.20 -7.45 -21.21
CA ILE B 307 9.96 -6.55 -22.36
C ILE B 307 11.23 -5.76 -22.71
N PRO B 308 11.70 -5.82 -23.99
CA PRO B 308 12.93 -5.07 -24.34
C PRO B 308 12.66 -3.57 -24.35
N GLN B 309 13.73 -2.80 -24.18
CA GLN B 309 13.54 -1.31 -24.09
C GLN B 309 14.40 -0.60 -25.07
N LEU B 310 13.89 0.53 -25.56
CA LEU B 310 14.68 1.49 -26.29
C LEU B 310 14.82 2.68 -25.30
N VAL B 311 16.07 2.99 -24.92
CA VAL B 311 16.33 3.85 -23.80
C VAL B 311 16.99 5.11 -24.32
N LEU B 312 16.43 6.26 -23.89
CA LEU B 312 16.99 7.57 -24.16
C LEU B 312 17.45 8.18 -22.87
N PRO B 313 18.67 7.82 -22.41
CA PRO B 313 19.10 8.31 -21.10
C PRO B 313 19.35 9.81 -21.06
N GLN B 314 19.07 10.39 -19.88
CA GLN B 314 19.18 11.84 -19.69
C GLN B 314 20.10 12.26 -18.56
N TYR B 315 19.99 11.58 -17.42
CA TYR B 315 20.75 12.05 -16.22
C TYR B 315 21.06 10.91 -15.24
N PHE B 316 21.90 11.18 -14.19
CA PHE B 316 22.10 10.26 -13.08
C PHE B 316 22.58 8.85 -13.58
N ASP B 317 21.86 7.79 -13.17
CA ASP B 317 22.22 6.38 -13.48
C ASP B 317 21.70 5.90 -14.86
N GLN B 318 21.05 6.77 -15.64
CA GLN B 318 20.33 6.31 -16.83
C GLN B 318 21.25 5.83 -17.94
N PHE B 319 22.39 6.48 -18.16
CA PHE B 319 23.37 6.06 -19.17
C PHE B 319 23.92 4.71 -18.83
N ASP B 320 24.22 4.49 -17.55
CA ASP B 320 24.68 3.16 -17.09
C ASP B 320 23.65 2.04 -17.33
N TYR B 321 22.41 2.31 -16.91
CA TYR B 321 21.37 1.37 -17.17
C TYR B 321 21.23 1.09 -18.68
N ALA B 322 21.13 2.14 -19.48
CA ALA B 322 20.93 1.97 -20.91
C ALA B 322 22.08 1.16 -21.60
N ARG B 323 23.33 1.47 -21.31
CA ARG B 323 24.50 0.70 -21.82
C ARG B 323 24.47 -0.74 -21.39
N ASN B 324 24.19 -0.96 -20.12
CA ASN B 324 24.19 -2.27 -19.55
C ASN B 324 23.07 -3.14 -20.10
N LEU B 325 21.90 -2.52 -20.29
CA LEU B 325 20.79 -3.21 -20.93
C LEU B 325 21.15 -3.62 -22.39
N ALA B 326 21.66 -2.67 -23.17
CA ALA B 326 22.07 -2.91 -24.57
C ALA B 326 23.13 -4.06 -24.59
N ALA B 327 24.07 -4.04 -23.64
CA ALA B 327 25.18 -5.04 -23.59
C ALA B 327 24.65 -6.43 -23.30
N ALA B 328 23.56 -6.49 -22.54
CA ALA B 328 22.89 -7.73 -22.29
C ALA B 328 22.01 -8.21 -23.42
N GLY B 329 21.84 -7.39 -24.46
CA GLY B 329 21.10 -7.78 -25.67
C GLY B 329 19.61 -7.51 -25.54
N ALA B 330 19.20 -6.87 -24.43
CA ALA B 330 17.77 -6.70 -24.13
C ALA B 330 17.18 -5.33 -24.55
N GLY B 331 17.98 -4.51 -25.20
CA GLY B 331 17.44 -3.35 -25.82
C GLY B 331 18.50 -2.54 -26.53
N ILE B 332 18.16 -1.29 -26.83
CA ILE B 332 19.05 -0.41 -27.59
C ILE B 332 19.13 0.93 -26.85
N CYS B 333 20.30 1.52 -26.88
CA CYS B 333 20.55 2.83 -26.26
C CYS B 333 20.73 3.92 -27.28
N LEU B 334 20.05 5.07 -27.11
CA LEU B 334 20.36 6.24 -27.91
C LEU B 334 21.14 7.19 -26.95
N PRO B 335 22.49 7.20 -27.06
CA PRO B 335 23.37 7.64 -25.96
C PRO B 335 23.51 9.13 -25.66
N ASP B 336 23.10 9.95 -26.61
CA ASP B 336 23.37 11.39 -26.48
C ASP B 336 22.39 12.19 -27.35
N GLU B 337 22.57 13.52 -27.28
CA GLU B 337 21.69 14.40 -28.07
C GLU B 337 21.77 14.15 -29.57
N GLN B 338 22.99 13.94 -30.10
CA GLN B 338 23.18 13.55 -31.51
C GLN B 338 22.29 12.35 -31.95
N ALA B 339 22.23 11.32 -31.13
CA ALA B 339 21.44 10.12 -31.47
C ALA B 339 19.93 10.36 -31.27
N GLN B 340 19.56 11.00 -30.17
CA GLN B 340 18.14 11.11 -29.81
C GLN B 340 17.43 12.13 -30.70
N SER B 341 18.18 13.10 -31.23
CA SER B 341 17.63 14.05 -32.19
C SER B 341 17.54 13.52 -33.61
N ASP B 342 18.12 12.35 -33.87
CA ASP B 342 18.19 11.83 -35.24
C ASP B 342 17.05 10.88 -35.46
N HIS B 343 16.03 11.37 -36.12
CA HIS B 343 14.81 10.54 -36.34
C HIS B 343 15.03 9.21 -37.08
N GLU B 344 16.01 9.18 -37.99
CA GLU B 344 16.39 7.96 -38.62
C GLU B 344 16.96 6.94 -37.67
N GLN B 345 17.86 7.33 -36.79
CA GLN B 345 18.39 6.32 -35.83
C GLN B 345 17.26 5.90 -34.87
N PHE B 346 16.39 6.82 -34.52
CA PHE B 346 15.37 6.49 -33.54
C PHE B 346 14.36 5.46 -34.11
N THR B 347 13.84 5.72 -35.29
CA THR B 347 12.89 4.83 -35.95
C THR B 347 13.56 3.53 -36.34
N ASP B 348 14.78 3.59 -36.84
CA ASP B 348 15.48 2.36 -37.18
C ASP B 348 15.67 1.44 -35.96
N SER B 349 15.94 2.07 -34.80
CA SER B 349 16.03 1.33 -33.55
C SER B 349 14.75 0.60 -33.19
N ILE B 350 13.58 1.22 -33.37
CA ILE B 350 12.36 0.51 -33.06
C ILE B 350 12.18 -0.65 -34.06
N ALA B 351 12.45 -0.39 -35.34
CA ALA B 351 12.27 -1.42 -36.38
C ALA B 351 13.18 -2.59 -36.03
N THR B 352 14.38 -2.27 -35.58
CA THR B 352 15.35 -3.34 -35.25
C THR B 352 14.79 -4.26 -34.17
N VAL B 353 14.25 -3.67 -33.10
CA VAL B 353 13.77 -4.55 -32.04
C VAL B 353 12.53 -5.35 -32.51
N LEU B 354 11.61 -4.66 -33.20
CA LEU B 354 10.41 -5.33 -33.71
C LEU B 354 10.74 -6.45 -34.74
N GLY B 355 11.93 -6.43 -35.31
CA GLY B 355 12.21 -7.43 -36.32
C GLY B 355 13.18 -8.49 -35.85
N ASP B 356 13.55 -8.48 -34.56
CA ASP B 356 14.47 -9.50 -34.03
C ASP B 356 13.99 -10.00 -32.67
N THR B 357 13.41 -11.21 -32.64
CA THR B 357 12.96 -11.89 -31.40
C THR B 357 14.09 -12.12 -30.36
N GLY B 358 15.34 -11.90 -30.77
CA GLY B 358 16.51 -11.96 -29.90
C GLY B 358 16.45 -10.95 -28.73
N PHE B 359 15.84 -9.80 -28.98
CA PHE B 359 15.74 -8.78 -27.90
C PHE B 359 14.83 -9.26 -26.79
N ALA B 360 13.65 -9.72 -27.16
CA ALA B 360 12.74 -10.28 -26.16
C ALA B 360 13.40 -11.45 -25.46
N ALA B 361 14.18 -12.28 -26.20
CA ALA B 361 14.83 -13.46 -25.55
C ALA B 361 15.78 -13.03 -24.43
N ALA B 362 16.57 -11.98 -24.70
CA ALA B 362 17.51 -11.46 -23.75
C ALA B 362 16.77 -10.79 -22.63
N ALA B 363 15.65 -10.16 -22.93
CA ALA B 363 14.91 -9.48 -21.84
C ALA B 363 14.32 -10.55 -20.88
N ILE B 364 13.94 -11.69 -21.44
CA ILE B 364 13.41 -12.81 -20.66
C ILE B 364 14.53 -13.34 -19.77
N LYS B 365 15.72 -13.46 -20.32
CA LYS B 365 16.85 -13.87 -19.45
C LYS B 365 17.00 -12.95 -18.24
N LEU B 366 16.89 -11.62 -18.46
CA LEU B 366 16.99 -10.68 -17.34
C LEU B 366 15.86 -10.80 -16.31
N SER B 367 14.64 -11.02 -16.83
CA SER B 367 13.45 -11.31 -16.04
C SER B 367 13.78 -12.50 -15.16
N ASP B 368 14.39 -13.52 -15.75
CA ASP B 368 14.78 -14.67 -14.94
C ASP B 368 15.80 -14.40 -13.85
N GLU B 369 16.82 -13.56 -14.12
CA GLU B 369 17.67 -13.00 -13.06
C GLU B 369 16.86 -12.36 -11.96
N ILE B 370 15.83 -11.58 -12.31
CA ILE B 370 15.13 -10.89 -11.26
C ILE B 370 14.35 -11.91 -10.42
N THR B 371 13.73 -12.85 -11.08
CA THR B 371 12.71 -13.66 -10.38
C THR B 371 13.41 -14.77 -9.59
N ALA B 372 14.70 -14.95 -9.85
CA ALA B 372 15.49 -15.88 -9.01
C ALA B 372 16.03 -15.22 -7.72
N MET B 373 15.87 -13.88 -7.59
CA MET B 373 16.30 -13.23 -6.36
C MET B 373 15.23 -13.38 -5.27
N PRO B 374 15.63 -13.34 -4.00
CA PRO B 374 14.57 -13.50 -3.00
C PRO B 374 13.61 -12.34 -2.91
N HIS B 375 12.33 -12.62 -2.68
CA HIS B 375 11.37 -11.46 -2.64
C HIS B 375 11.48 -10.60 -1.40
N PRO B 376 10.87 -9.42 -1.45
CA PRO B 376 10.95 -8.58 -0.25
C PRO B 376 10.50 -9.30 1.02
N ALA B 377 9.51 -10.19 0.89
CA ALA B 377 8.98 -10.90 2.09
C ALA B 377 10.10 -11.76 2.71
N ALA B 378 10.89 -12.39 1.84
CA ALA B 378 12.02 -13.16 2.28
C ALA B 378 13.13 -12.25 2.86
N LEU B 379 13.25 -10.98 2.45
CA LEU B 379 14.29 -10.15 3.05
C LEU B 379 13.99 -9.73 4.49
N VAL B 380 12.72 -9.76 4.89
CA VAL B 380 12.40 -9.33 6.28
C VAL B 380 13.21 -10.06 7.36
N ARG B 381 13.42 -11.34 7.18
CA ARG B 381 14.31 -12.07 8.14
C ARG B 381 15.73 -11.54 8.17
N THR B 382 16.31 -11.28 7.00
CA THR B 382 17.59 -10.59 6.97
C THR B 382 17.60 -9.26 7.77
N LEU B 383 16.53 -8.48 7.69
CA LEU B 383 16.51 -7.23 8.39
C LEU B 383 16.48 -7.52 9.88
N GLU B 384 15.65 -8.49 10.26
CA GLU B 384 15.49 -8.91 11.64
C GLU B 384 16.89 -9.15 12.20
N ASN B 385 17.67 -9.94 11.45
CA ASN B 385 19.01 -10.37 11.86
C ASN B 385 20.04 -9.27 11.71
#